data_7BSS
#
_entry.id   7BSS
#
_cell.length_a   1.00
_cell.length_b   1.00
_cell.length_c   1.00
_cell.angle_alpha   90.00
_cell.angle_beta   90.00
_cell.angle_gamma   90.00
#
_symmetry.space_group_name_H-M   'P 1'
#
loop_
_entity.id
_entity.type
_entity.pdbx_description
1 polymer ATP11C
2 polymer CDC50A
3 non-polymer 'TETRAFLUOROALUMINATE ION'
4 non-polymer 'MAGNESIUM ION'
5 non-polymer 2-acetamido-2-deoxy-beta-D-glucopyranose
6 non-polymer alpha-D-mannopyranose
#
loop_
_entity_poly.entity_id
_entity_poly.type
_entity_poly.pdbx_seq_one_letter_code
_entity_poly.pdbx_strand_id
1 'polypeptide(L)'
;RFCAGEEKRVGTRTVFVGNHPVSETEAYIAQRFCDNRIVSSKYTLWNFLPKNLFEQFRRIANFYFLIIFLVQVTVDTPTS
PVTSGLPLFFVITVTAIKQGYEDWLRHRADNEVNKSTVYIIENAKRVRKESEKIKVGDVVEVQADETFPCDLILLSSCTT
DGTCYVTTASLDGESNCKTHYAVRDTIALCTAESIDTLRAAIECEQPQPDLYKFVGRINIYSNSLEAVARSLGPENLLLK
GATLKNTEKIYGVAVYTGMETKMALNYQGKSQKRSAVEKSINAFLIVYLFILLTKAAVCTTLKYVWQSTPYNDEPWYNQK
TQKERETLKVLKMFTDFLSFMVLFNFIIPVSMYVTVEMQKFLGSFFISWDKDFYDEEINEGALVNTSDLNEELGQVDYVF
TDKTGTLTENSMEFIECCIDGHKYKGVTQEVDGLSQTDGTLTYFDKVDKNREELFLRALCLCHTVEIKTNDAVDGATESA
ELTYISSSPDEIALVKGAKRYGFTFLGNRNGYMRVENQRKEIEEYELLHTLNFDAVRRRMSVIVKTQEGDILLFCKGADS
AVFPRVQNHEIELTKVHVERNAMDGYRTLCVAFKEIAPDDYERINRQLIEAKMALQDREEKMEKVFDDIETNMNLIGATA
VEDKLQDQAAETIEALHAAGLKVWVLTGDKMETAKSTCYACRLFQTNTELLELTTKTIEESERKEDRLHELLIEYRKKLL
HEFPKSTRSFKKAWTEHQEYGLIIDGSTLSLILNSSQDSSSNNYKSIFLQICMKCTAVLCCRMAPLQKAQIVRMVKNLKG
SPITLSIGDGANDVSMILESHVGIGIKGKEGRQAARNSDYSVPKFKHLKKLLLAHGHLYYVRIAHLVQYFFYKNLCFILP
QFLYQFFCGFSQQPLYDAAYLTMYNICFTSLPILAYSLLEQHINIDTLTSDPRLYMKISGNAMLQLGPFLYWTFLAAFEG
TVFFFGTYFLFQTASLEENGKVYGNWTFGTIVFTVLVFTVTLKLALDTRFWTWINHFVIWGSLAFYVFFSFFWGGIIWPF
LKQQRMYFVFAQMLSSVSTWLAIILLIFISLFPEILLIVLKNVR
;
A
2 'polypeptide(L)'
;MAMNYNAKDEVDGGPPCAPGGTAKTRRPDNTAFKQQRLPAWQPILTAGTVLPIFFIIGLIFIPIGIGIFVTSNNIREIEI
DYTGTEPSSPCNKCLSPDVTPCFCTINFTLEKSFEGNVFMYYGLSNFYQNHRRYVKSRDDSQLNGDSSALLNPSKECEPY
RRNEDKPIAPCGAIMNSMFNDTLELFLIGQDSYPIPIALKKKGIAWWTDKNVKFRNPPGGDNLEERFKGTTKPVNWLKPV
YMLDSDPDNNGFINEDFIVWMRTAALPTFRKLYRLIERKSDLHPTLPAGRYWLNVTYNYPVHYFDGRKRMILSTISWMGG
KNPFLGIAYIAVGSISFLLGVVLLVINHKYRNSSNTADITI
;
C
#
# COMPACT_ATOMS: atom_id res chain seq x y z
N THR A 12 12.99 -27.39 44.04
CA THR A 12 11.96 -28.37 44.35
C THR A 12 12.29 -29.72 43.72
N ARG A 13 13.09 -29.69 42.66
CA ARG A 13 13.45 -30.90 41.95
C ARG A 13 14.71 -31.51 42.55
N THR A 14 14.98 -32.75 42.16
CA THR A 14 16.15 -33.48 42.63
C THR A 14 16.77 -34.23 41.46
N VAL A 15 18.08 -34.10 41.30
CA VAL A 15 18.80 -34.71 40.19
C VAL A 15 19.62 -35.87 40.71
N PHE A 16 19.68 -36.95 39.92
CA PHE A 16 20.48 -38.13 40.24
C PHE A 16 21.43 -38.37 39.09
N VAL A 17 22.71 -38.07 39.32
CA VAL A 17 23.69 -38.15 38.24
C VAL A 17 23.99 -39.59 37.86
N GLY A 18 24.45 -40.39 38.82
CA GLY A 18 24.96 -41.71 38.55
C GLY A 18 23.92 -42.81 38.45
N ASN A 19 22.64 -42.46 38.47
CA ASN A 19 21.53 -43.41 38.43
C ASN A 19 21.54 -44.34 39.63
N HIS A 20 22.21 -43.96 40.70
CA HIS A 20 22.13 -44.67 41.97
C HIS A 20 21.13 -43.96 42.86
N PRO A 21 19.90 -44.45 42.95
CA PRO A 21 18.89 -43.75 43.76
C PRO A 21 19.25 -43.79 45.24
N VAL A 22 18.46 -43.07 46.03
CA VAL A 22 18.71 -42.94 47.46
C VAL A 22 18.69 -44.29 48.16
N GLN A 31 8.15 -37.33 32.84
CA GLN A 31 8.54 -37.02 34.21
C GLN A 31 8.03 -35.63 34.62
N ARG A 32 8.82 -34.92 35.41
CA ARG A 32 8.49 -33.57 35.83
C ARG A 32 9.19 -32.50 34.99
N PHE A 33 10.30 -32.84 34.33
CA PHE A 33 11.10 -31.86 33.61
C PHE A 33 11.23 -32.26 32.14
N CYS A 34 11.51 -31.26 31.30
CA CYS A 34 11.46 -31.38 29.86
C CYS A 34 12.82 -31.78 29.30
N ASP A 35 12.92 -31.76 27.97
CA ASP A 35 14.11 -32.25 27.28
C ASP A 35 15.01 -31.07 26.88
N ASN A 36 16.13 -31.37 26.24
CA ASN A 36 17.14 -30.37 25.89
C ASN A 36 16.98 -29.98 24.42
N ARG A 37 15.99 -29.15 24.15
CA ARG A 37 15.75 -28.67 22.79
C ARG A 37 15.18 -27.26 22.90
N ILE A 38 15.87 -26.29 22.34
CA ILE A 38 15.41 -24.90 22.36
C ILE A 38 14.75 -24.59 21.03
N VAL A 39 13.59 -23.95 21.10
CA VAL A 39 12.87 -23.49 19.92
C VAL A 39 12.73 -21.98 20.02
N SER A 40 13.11 -21.28 18.96
CA SER A 40 12.90 -19.85 18.86
C SER A 40 11.99 -19.49 17.68
N SER A 41 11.62 -20.48 16.88
CA SER A 41 10.80 -20.25 15.72
C SER A 41 9.35 -20.04 16.12
N LYS A 42 8.52 -19.71 15.13
CA LYS A 42 7.08 -19.57 15.32
C LYS A 42 6.28 -20.61 14.58
N TYR A 43 6.67 -20.95 13.35
CA TYR A 43 5.99 -21.92 12.54
C TYR A 43 6.79 -23.21 12.44
N THR A 44 6.09 -24.29 12.12
CA THR A 44 6.71 -25.58 11.84
C THR A 44 6.23 -26.07 10.49
N LEU A 45 7.11 -26.75 9.76
CA LEU A 45 6.82 -27.11 8.39
C LEU A 45 5.47 -27.81 8.26
N TRP A 46 5.03 -28.51 9.31
CA TRP A 46 3.75 -29.19 9.27
C TRP A 46 2.60 -28.19 9.28
N ASN A 47 2.75 -27.08 9.99
CA ASN A 47 1.64 -26.17 10.24
C ASN A 47 1.97 -24.74 9.83
N PHE A 48 2.83 -24.55 8.83
CA PHE A 48 3.12 -23.19 8.40
C PHE A 48 1.93 -22.58 7.68
N LEU A 49 1.45 -23.24 6.63
CA LEU A 49 0.37 -22.66 5.85
C LEU A 49 -0.87 -22.37 6.67
N PRO A 50 -1.42 -23.29 7.47
CA PRO A 50 -2.62 -22.96 8.23
C PRO A 50 -2.39 -21.91 9.30
N LYS A 51 -1.18 -21.72 9.80
CA LYS A 51 -0.95 -20.74 10.85
C LYS A 51 -0.55 -19.39 10.31
N ASN A 52 -0.04 -19.33 9.09
CA ASN A 52 0.22 -18.04 8.47
C ASN A 52 -1.03 -17.50 7.80
N LEU A 53 -1.68 -18.31 6.97
CA LEU A 53 -2.89 -17.86 6.28
C LEU A 53 -3.98 -17.44 7.25
N PHE A 54 -4.01 -17.99 8.45
CA PHE A 54 -5.01 -17.53 9.40
C PHE A 54 -4.66 -16.13 9.90
N GLU A 55 -3.39 -15.90 10.23
CA GLU A 55 -3.03 -14.63 10.84
C GLU A 55 -2.96 -13.49 9.84
N GLN A 56 -2.94 -13.81 8.54
CA GLN A 56 -3.00 -12.78 7.52
C GLN A 56 -4.44 -12.43 7.19
N PHE A 57 -5.30 -13.43 7.04
CA PHE A 57 -6.69 -13.20 6.72
C PHE A 57 -7.47 -12.85 7.97
N ARG A 58 -6.77 -12.40 9.00
CA ARG A 58 -7.40 -11.80 10.17
C ARG A 58 -7.34 -10.29 10.13
N ARG A 59 -6.62 -9.71 9.19
CA ARG A 59 -6.56 -8.28 9.01
C ARG A 59 -7.69 -7.80 8.11
N ILE A 60 -8.04 -6.53 8.24
CA ILE A 60 -9.23 -6.01 7.59
C ILE A 60 -9.10 -6.14 6.08
N ALA A 61 -8.12 -5.47 5.49
CA ALA A 61 -8.03 -5.46 4.04
C ALA A 61 -7.61 -6.79 3.46
N ASN A 62 -7.24 -7.77 4.28
CA ASN A 62 -7.02 -9.12 3.80
C ASN A 62 -8.28 -9.96 3.87
N PHE A 63 -9.12 -9.71 4.86
CA PHE A 63 -10.39 -10.41 4.97
C PHE A 63 -11.42 -9.80 4.02
N TYR A 64 -11.37 -8.48 3.84
CA TYR A 64 -12.29 -7.82 2.94
C TYR A 64 -12.07 -8.25 1.50
N PHE A 65 -10.84 -8.56 1.13
CA PHE A 65 -10.56 -9.00 -0.23
C PHE A 65 -10.79 -10.48 -0.43
N LEU A 66 -11.00 -11.23 0.63
CA LEU A 66 -11.41 -12.62 0.51
C LEU A 66 -12.93 -12.73 0.41
N ILE A 67 -13.64 -11.89 1.15
CA ILE A 67 -15.09 -11.83 1.01
C ILE A 67 -15.46 -11.42 -0.41
N ILE A 68 -14.68 -10.53 -1.01
CA ILE A 68 -14.92 -10.17 -2.40
C ILE A 68 -14.62 -11.34 -3.32
N PHE A 69 -13.49 -12.01 -3.11
CA PHE A 69 -13.13 -13.09 -4.00
C PHE A 69 -14.11 -14.24 -3.94
N LEU A 70 -14.74 -14.45 -2.80
CA LEU A 70 -15.77 -15.49 -2.72
C LEU A 70 -17.04 -15.02 -3.38
N VAL A 71 -17.39 -13.74 -3.21
CA VAL A 71 -18.59 -13.19 -3.84
C VAL A 71 -18.46 -13.23 -5.35
N GLN A 72 -17.24 -13.11 -5.86
CA GLN A 72 -17.05 -13.11 -7.30
C GLN A 72 -17.21 -14.48 -7.92
N VAL A 73 -16.84 -15.55 -7.20
CA VAL A 73 -16.90 -16.88 -7.78
C VAL A 73 -18.28 -17.52 -7.63
N THR A 74 -19.11 -17.04 -6.72
CA THR A 74 -20.48 -17.54 -6.63
C THR A 74 -21.45 -16.68 -7.43
N VAL A 75 -21.57 -15.40 -7.06
CA VAL A 75 -22.43 -14.48 -7.77
C VAL A 75 -21.86 -14.21 -9.16
N ASP A 76 -22.72 -13.75 -10.06
CA ASP A 76 -22.28 -13.27 -11.36
C ASP A 76 -22.01 -11.77 -11.27
N THR A 77 -20.76 -11.39 -11.39
CA THR A 77 -20.35 -10.02 -11.11
C THR A 77 -19.77 -9.35 -12.36
N PRO A 78 -19.54 -8.03 -12.34
CA PRO A 78 -18.97 -7.39 -13.53
C PRO A 78 -17.61 -7.93 -13.92
N THR A 79 -16.71 -8.08 -12.96
CA THR A 79 -15.31 -8.37 -13.21
C THR A 79 -15.01 -9.85 -12.97
N SER A 80 -14.05 -10.37 -13.71
CA SER A 80 -13.64 -11.76 -13.54
C SER A 80 -12.99 -11.95 -12.18
N PRO A 81 -13.02 -13.17 -11.64
CA PRO A 81 -12.35 -13.42 -10.35
C PRO A 81 -10.84 -13.29 -10.41
N VAL A 82 -10.25 -13.25 -11.61
CA VAL A 82 -8.81 -13.06 -11.70
C VAL A 82 -8.43 -11.67 -11.26
N THR A 83 -9.30 -10.68 -11.46
CA THR A 83 -8.96 -9.32 -11.10
C THR A 83 -8.87 -9.11 -9.60
N SER A 84 -9.33 -10.06 -8.81
CA SER A 84 -9.22 -9.95 -7.36
C SER A 84 -8.67 -11.20 -6.71
N GLY A 85 -8.29 -12.20 -7.48
CA GLY A 85 -7.69 -13.38 -6.92
C GLY A 85 -6.25 -13.52 -7.32
N LEU A 86 -5.84 -12.83 -8.37
CA LEU A 86 -4.43 -12.78 -8.71
C LEU A 86 -3.69 -11.76 -7.86
N PRO A 87 -4.20 -10.52 -7.71
CA PRO A 87 -3.54 -9.60 -6.78
C PRO A 87 -3.62 -10.03 -5.33
N LEU A 88 -4.61 -10.81 -4.94
CA LEU A 88 -4.68 -11.26 -3.56
C LEU A 88 -3.78 -12.45 -3.32
N PHE A 89 -3.74 -13.41 -4.23
CA PHE A 89 -2.84 -14.55 -4.07
C PHE A 89 -1.39 -14.11 -4.18
N PHE A 90 -1.11 -13.11 -5.01
CA PHE A 90 0.25 -12.61 -5.14
C PHE A 90 0.68 -11.80 -3.92
N VAL A 91 -0.28 -11.23 -3.21
CA VAL A 91 0.07 -10.42 -2.05
C VAL A 91 0.17 -11.29 -0.81
N ILE A 92 -0.66 -12.34 -0.72
CA ILE A 92 -0.53 -13.27 0.40
C ILE A 92 0.70 -14.14 0.24
N THR A 93 1.11 -14.43 -1.00
CA THR A 93 2.28 -15.26 -1.22
C THR A 93 3.56 -14.53 -0.86
N VAL A 94 3.71 -13.29 -1.31
CA VAL A 94 4.90 -12.53 -0.98
C VAL A 94 4.99 -12.26 0.50
N THR A 95 3.86 -12.03 1.16
CA THR A 95 3.89 -11.82 2.61
C THR A 95 4.10 -13.11 3.37
N ALA A 96 4.15 -14.25 2.68
CA ALA A 96 4.49 -15.52 3.32
C ALA A 96 5.97 -15.82 3.14
N ILE A 97 6.42 -15.84 1.89
CA ILE A 97 7.83 -16.01 1.54
C ILE A 97 8.70 -15.14 2.41
N LYS A 98 8.23 -13.93 2.72
CA LYS A 98 8.95 -13.10 3.67
C LYS A 98 8.91 -13.71 5.06
N GLN A 99 7.70 -13.88 5.61
CA GLN A 99 7.59 -14.41 6.97
C GLN A 99 8.03 -15.86 7.06
N GLY A 100 8.11 -16.56 5.93
CA GLY A 100 8.67 -17.90 5.97
C GLY A 100 10.17 -17.87 6.14
N TYR A 101 10.89 -17.28 5.18
CA TYR A 101 12.34 -17.19 5.28
C TYR A 101 12.75 -16.43 6.55
N GLU A 102 12.02 -15.38 6.89
CA GLU A 102 12.31 -14.69 8.14
C GLU A 102 12.13 -15.57 9.35
N ASP A 103 11.58 -16.77 9.19
CA ASP A 103 11.43 -17.73 10.26
C ASP A 103 12.22 -19.01 10.02
N TRP A 104 12.56 -19.31 8.77
CA TRP A 104 13.53 -20.37 8.51
C TRP A 104 14.89 -20.02 9.08
N LEU A 105 15.12 -18.74 9.39
CA LEU A 105 16.32 -18.36 10.12
C LEU A 105 16.33 -18.98 11.51
N ARG A 106 15.27 -18.73 12.29
CA ARG A 106 15.20 -19.23 13.65
C ARG A 106 15.48 -20.72 13.72
N HIS A 107 15.08 -21.47 12.70
CA HIS A 107 15.53 -22.86 12.59
C HIS A 107 17.04 -22.91 12.45
N ARG A 108 17.56 -22.37 11.34
CA ARG A 108 18.99 -22.39 11.11
C ARG A 108 19.76 -21.69 12.23
N ALA A 109 19.13 -20.72 12.90
CA ALA A 109 19.81 -20.03 13.98
C ALA A 109 19.94 -20.92 15.20
N ASP A 110 18.98 -21.82 15.41
CA ASP A 110 19.07 -22.73 16.54
C ASP A 110 19.45 -24.14 16.11
N ASN A 111 19.27 -24.47 14.83
CA ASN A 111 19.75 -25.76 14.33
C ASN A 111 21.23 -25.95 14.65
N GLU A 112 22.01 -24.88 14.49
CA GLU A 112 23.42 -24.97 14.85
C GLU A 112 23.60 -25.09 16.35
N VAL A 113 22.64 -24.62 17.14
CA VAL A 113 22.84 -24.53 18.57
C VAL A 113 22.44 -25.81 19.27
N ASN A 114 21.44 -26.53 18.75
CA ASN A 114 21.04 -27.79 19.35
C ASN A 114 21.29 -28.98 18.44
N LYS A 115 22.24 -28.88 17.49
CA LYS A 115 22.69 -30.02 16.71
C LYS A 115 24.20 -30.16 16.74
N SER A 116 24.84 -29.50 17.70
CA SER A 116 26.29 -29.54 17.82
C SER A 116 26.71 -30.70 18.71
N THR A 117 27.78 -31.37 18.32
CA THR A 117 28.18 -32.59 19.01
C THR A 117 28.73 -32.29 20.40
N VAL A 118 28.32 -33.10 21.38
CA VAL A 118 28.80 -33.01 22.75
C VAL A 118 29.06 -34.42 23.24
N TYR A 119 30.07 -34.58 24.09
CA TYR A 119 30.41 -35.89 24.60
C TYR A 119 29.60 -36.20 25.85
N ILE A 120 29.22 -37.47 25.99
CA ILE A 120 28.37 -37.91 27.08
C ILE A 120 28.88 -39.25 27.61
N ILE A 121 28.94 -39.38 28.93
CA ILE A 121 29.34 -40.62 29.58
C ILE A 121 28.05 -41.26 30.09
N GLU A 122 27.51 -42.21 29.31
CA GLU A 122 26.25 -42.84 29.69
C GLU A 122 26.45 -43.77 30.88
N ASN A 123 27.34 -44.77 30.74
CA ASN A 123 27.78 -45.54 31.89
C ASN A 123 29.23 -45.96 31.63
N ALA A 124 30.17 -45.14 32.08
CA ALA A 124 31.59 -45.34 31.79
C ALA A 124 31.88 -45.45 30.30
N LYS A 125 30.94 -45.02 29.45
CA LYS A 125 31.11 -45.07 28.00
C LYS A 125 31.03 -43.64 27.48
N ARG A 126 32.15 -43.13 26.97
CA ARG A 126 32.23 -41.75 26.49
C ARG A 126 31.83 -41.73 25.02
N VAL A 127 30.57 -41.43 24.77
CA VAL A 127 30.05 -41.29 23.41
C VAL A 127 29.81 -39.81 23.14
N ARG A 128 29.80 -39.44 21.86
CA ARG A 128 29.50 -38.08 21.45
C ARG A 128 28.11 -38.08 20.80
N LYS A 129 27.14 -37.54 21.52
CA LYS A 129 25.78 -37.42 21.01
C LYS A 129 25.56 -36.01 20.47
N GLU A 130 24.32 -35.68 20.12
CA GLU A 130 23.96 -34.33 19.73
C GLU A 130 23.36 -33.58 20.91
N SER A 131 23.39 -32.26 20.82
CA SER A 131 23.06 -31.43 21.98
C SER A 131 21.60 -31.59 22.38
N GLU A 132 20.76 -32.07 21.47
CA GLU A 132 19.36 -32.31 21.83
C GLU A 132 19.19 -33.64 22.55
N LYS A 133 19.99 -34.63 22.21
CA LYS A 133 19.83 -35.96 22.79
C LYS A 133 20.18 -35.96 24.27
N ILE A 134 20.74 -34.86 24.76
CA ILE A 134 21.13 -34.75 26.17
C ILE A 134 19.88 -34.82 27.05
N LYS A 135 19.95 -35.64 28.09
CA LYS A 135 18.89 -35.75 29.09
C LYS A 135 19.33 -35.08 30.38
N VAL A 136 18.36 -34.82 31.25
CA VAL A 136 18.68 -34.21 32.54
C VAL A 136 19.50 -35.19 33.36
N GLY A 137 20.57 -34.70 33.98
CA GLY A 137 21.31 -35.50 34.92
C GLY A 137 22.19 -36.56 34.27
N ASP A 138 23.18 -36.13 33.50
CA ASP A 138 24.17 -37.03 32.93
C ASP A 138 25.49 -36.30 32.80
N VAL A 139 26.56 -37.07 32.59
CA VAL A 139 27.90 -36.50 32.57
C VAL A 139 28.17 -35.91 31.20
N VAL A 140 28.65 -34.67 31.18
CA VAL A 140 28.92 -33.93 29.95
C VAL A 140 30.37 -33.47 29.98
N GLU A 141 31.09 -33.69 28.88
CA GLU A 141 32.48 -33.28 28.75
C GLU A 141 32.60 -32.23 27.66
N VAL A 142 33.19 -31.10 27.99
CA VAL A 142 33.36 -29.98 27.07
C VAL A 142 34.84 -29.62 27.05
N GLN A 143 35.52 -29.88 25.93
CA GLN A 143 36.92 -29.52 25.81
C GLN A 143 37.01 -28.02 25.52
N ALA A 144 38.21 -27.55 25.19
CA ALA A 144 38.42 -26.11 25.06
C ALA A 144 37.56 -25.53 23.95
N ASP A 145 36.98 -24.36 24.23
CA ASP A 145 36.29 -23.54 23.23
C ASP A 145 35.08 -24.25 22.65
N GLU A 146 34.16 -24.71 23.49
CA GLU A 146 32.86 -25.19 23.06
C GLU A 146 31.81 -24.62 23.99
N THR A 147 30.72 -24.10 23.41
CA THR A 147 29.62 -23.59 24.22
C THR A 147 29.02 -24.71 25.06
N PHE A 148 28.59 -24.34 26.25
CA PHE A 148 27.97 -25.31 27.15
C PHE A 148 26.66 -25.80 26.54
N PRO A 149 26.50 -27.09 26.31
CA PRO A 149 25.25 -27.57 25.72
C PRO A 149 24.05 -27.32 26.59
N CYS A 150 24.22 -27.35 27.91
CA CYS A 150 23.10 -27.18 28.81
C CYS A 150 23.56 -26.56 30.11
N ASP A 151 22.60 -26.08 30.89
CA ASP A 151 22.90 -25.41 32.14
C ASP A 151 23.48 -26.44 33.10
N LEU A 152 24.80 -26.48 33.22
CA LEU A 152 25.48 -27.55 33.92
C LEU A 152 25.65 -27.24 35.40
N ILE A 153 26.08 -28.25 36.15
CA ILE A 153 26.60 -28.08 37.50
C ILE A 153 27.96 -28.77 37.51
N LEU A 154 29.01 -27.98 37.72
CA LEU A 154 30.39 -28.45 37.57
C LEU A 154 30.73 -29.34 38.76
N LEU A 155 30.46 -30.64 38.62
CA LEU A 155 30.78 -31.57 39.71
C LEU A 155 32.27 -31.64 39.96
N SER A 156 33.09 -31.48 38.92
CA SER A 156 34.54 -31.60 39.05
C SER A 156 35.17 -31.09 37.76
N SER A 157 36.40 -30.62 37.88
CA SER A 157 37.24 -30.32 36.73
C SER A 157 38.48 -31.21 36.79
N CYS A 158 39.11 -31.36 35.62
CA CYS A 158 40.19 -32.34 35.48
C CYS A 158 41.49 -31.83 36.10
N THR A 159 41.82 -30.57 35.88
CA THR A 159 43.03 -30.01 36.46
C THR A 159 42.90 -29.92 37.97
N THR A 160 44.01 -29.57 38.62
CA THR A 160 44.00 -29.35 40.05
C THR A 160 43.19 -28.11 40.39
N ASP A 161 42.57 -28.13 41.57
CA ASP A 161 41.82 -27.02 42.12
C ASP A 161 40.54 -26.73 41.34
N GLY A 162 40.32 -27.46 40.25
CA GLY A 162 39.09 -27.40 39.50
C GLY A 162 38.56 -26.00 39.20
N THR A 163 39.26 -25.25 38.36
CA THR A 163 38.82 -23.91 37.98
C THR A 163 38.93 -23.75 36.47
N CYS A 164 37.83 -23.35 35.85
CA CYS A 164 37.80 -23.06 34.42
C CYS A 164 37.44 -21.60 34.22
N TYR A 165 37.88 -21.05 33.11
CA TYR A 165 37.68 -19.65 32.79
C TYR A 165 36.68 -19.56 31.64
N VAL A 166 35.44 -19.21 31.98
CA VAL A 166 34.37 -19.08 31.00
C VAL A 166 33.83 -17.67 31.06
N THR A 167 33.86 -16.98 29.92
CA THR A 167 33.38 -15.61 29.82
C THR A 167 31.95 -15.64 29.26
N THR A 168 31.10 -14.78 29.81
CA THR A 168 29.71 -14.70 29.39
C THR A 168 29.56 -13.65 28.30
N ALA A 169 30.12 -13.98 27.14
CA ALA A 169 30.13 -13.03 26.03
C ALA A 169 28.75 -12.85 25.42
N SER A 170 27.84 -13.79 25.61
CA SER A 170 26.53 -13.72 25.02
C SER A 170 25.41 -13.56 26.05
N LEU A 171 25.57 -14.11 27.25
CA LEU A 171 24.48 -14.10 28.22
C LEU A 171 24.22 -12.70 28.75
N ASP A 172 25.23 -12.09 29.37
CA ASP A 172 25.09 -10.78 29.98
C ASP A 172 26.11 -9.78 29.45
N GLY A 173 26.64 -10.00 28.25
CA GLY A 173 27.40 -8.98 27.56
C GLY A 173 28.78 -8.67 28.13
N GLU A 174 29.02 -9.06 29.37
CA GLU A 174 30.33 -8.89 29.97
C GLU A 174 31.38 -9.68 29.20
N SER A 175 32.63 -9.23 29.29
CA SER A 175 33.71 -9.84 28.51
C SER A 175 34.88 -10.26 29.38
N ASN A 176 34.72 -10.24 30.69
CA ASN A 176 35.78 -10.68 31.60
C ASN A 176 35.73 -12.20 31.76
N CYS A 177 36.89 -12.78 32.04
CA CYS A 177 37.02 -14.22 32.27
C CYS A 177 36.57 -14.54 33.69
N LYS A 178 35.26 -14.68 33.86
CA LYS A 178 34.70 -15.02 35.16
C LYS A 178 35.19 -16.39 35.60
N THR A 179 35.56 -16.49 36.87
CA THR A 179 36.05 -17.75 37.43
C THR A 179 34.88 -18.65 37.77
N HIS A 180 35.08 -19.95 37.60
CA HIS A 180 34.06 -20.94 37.91
C HIS A 180 34.72 -22.13 38.59
N TYR A 181 34.47 -22.28 39.88
CA TYR A 181 35.10 -23.32 40.68
C TYR A 181 34.35 -24.63 40.54
N ALA A 182 35.08 -25.73 40.61
CA ALA A 182 34.46 -27.04 40.67
C ALA A 182 33.97 -27.30 42.10
N VAL A 183 33.15 -28.33 42.27
CA VAL A 183 32.65 -28.68 43.58
C VAL A 183 33.83 -29.09 44.45
N ARG A 184 34.07 -28.32 45.52
CA ARG A 184 35.25 -28.50 46.34
C ARG A 184 35.38 -29.93 46.84
N ASP A 185 34.25 -30.53 47.23
CA ASP A 185 34.31 -31.87 47.82
C ASP A 185 34.73 -32.92 46.81
N THR A 186 34.45 -32.72 45.52
CA THR A 186 34.65 -33.76 44.52
C THR A 186 35.62 -33.33 43.42
N ILE A 187 36.49 -32.36 43.69
CA ILE A 187 37.59 -32.11 42.76
C ILE A 187 38.49 -33.32 42.67
N ALA A 188 38.43 -34.21 43.68
CA ALA A 188 39.17 -35.47 43.63
C ALA A 188 38.75 -36.31 42.43
N LEU A 189 37.48 -36.25 42.05
CA LEU A 189 37.03 -36.99 40.87
C LEU A 189 37.67 -36.38 39.63
N CYS A 190 38.62 -37.11 39.05
CA CYS A 190 39.34 -36.63 37.86
C CYS A 190 39.14 -37.65 36.74
N THR A 191 38.05 -37.50 36.00
CA THR A 191 37.78 -38.19 34.75
C THR A 191 37.68 -39.71 34.90
N ALA A 192 37.66 -40.23 36.13
CA ALA A 192 37.87 -41.66 36.36
C ALA A 192 36.53 -42.34 36.62
N GLU A 193 35.91 -42.85 35.56
CA GLU A 193 34.82 -43.82 35.64
C GLU A 193 33.73 -43.38 36.61
N SER A 194 33.01 -42.36 36.20
CA SER A 194 32.05 -41.68 37.07
C SER A 194 30.81 -42.53 37.39
N ILE A 195 30.74 -43.83 37.09
CA ILE A 195 29.59 -44.64 37.47
C ILE A 195 29.80 -45.41 38.77
N ASP A 196 31.02 -45.45 39.30
CA ASP A 196 31.30 -46.29 40.45
C ASP A 196 30.73 -45.69 41.72
N THR A 197 29.43 -45.91 41.95
CA THR A 197 28.74 -45.45 43.15
C THR A 197 28.85 -43.94 43.31
N LEU A 198 28.69 -43.22 42.20
CA LEU A 198 28.70 -41.76 42.21
C LEU A 198 27.27 -41.23 42.42
N ARG A 199 26.67 -41.70 43.51
CA ARG A 199 25.33 -41.26 43.87
C ARG A 199 25.37 -39.85 44.44
N ALA A 200 24.68 -38.93 43.77
CA ALA A 200 24.62 -37.55 44.24
C ALA A 200 23.20 -37.03 44.13
N ALA A 201 22.71 -36.47 45.23
CA ALA A 201 21.34 -35.93 45.31
C ALA A 201 21.43 -34.41 45.24
N ILE A 202 21.23 -33.88 44.04
CA ILE A 202 21.27 -32.44 43.80
C ILE A 202 19.83 -31.95 43.86
N GLU A 203 19.42 -31.54 45.05
CA GLU A 203 18.07 -31.02 45.27
C GLU A 203 18.06 -29.55 44.87
N CYS A 204 17.86 -29.29 43.59
CA CYS A 204 17.89 -27.94 43.04
C CYS A 204 16.51 -27.32 43.06
N GLU A 205 16.48 -25.98 43.04
CA GLU A 205 15.22 -25.28 42.99
C GLU A 205 14.76 -25.12 41.54
N GLN A 206 13.46 -24.88 41.37
CA GLN A 206 12.89 -24.61 40.07
C GLN A 206 13.59 -23.43 39.41
N PRO A 207 13.49 -23.31 38.09
CA PRO A 207 14.23 -22.25 37.39
C PRO A 207 13.72 -20.87 37.74
N GLN A 208 14.64 -19.90 37.72
CA GLN A 208 14.37 -18.49 37.82
C GLN A 208 15.37 -17.74 36.95
N PRO A 209 14.97 -16.67 36.30
CA PRO A 209 15.82 -16.05 35.28
C PRO A 209 16.89 -15.11 35.82
N ASP A 210 17.19 -15.20 37.13
CA ASP A 210 18.06 -14.20 37.76
C ASP A 210 19.47 -14.23 37.16
N LEU A 211 19.90 -15.38 36.67
CA LEU A 211 21.17 -15.56 35.96
C LEU A 211 22.35 -15.47 36.90
N TYR A 212 22.12 -15.06 38.14
CA TYR A 212 23.13 -15.08 39.19
C TYR A 212 22.66 -15.82 40.43
N LYS A 213 21.41 -15.63 40.83
CA LYS A 213 20.88 -16.27 42.03
C LYS A 213 20.54 -17.72 41.73
N PHE A 214 21.22 -18.63 42.42
CA PHE A 214 20.90 -20.04 42.31
C PHE A 214 21.33 -20.73 43.58
N VAL A 215 20.41 -21.43 44.22
CA VAL A 215 20.67 -22.20 45.43
C VAL A 215 20.80 -23.66 45.04
N GLY A 216 21.98 -24.23 45.28
CA GLY A 216 22.23 -25.63 45.03
C GLY A 216 22.26 -26.41 46.34
N ARG A 217 22.21 -27.73 46.21
CA ARG A 217 22.21 -28.58 47.38
C ARG A 217 22.73 -29.95 46.98
N ILE A 218 23.97 -30.25 47.36
CA ILE A 218 24.62 -31.50 47.00
C ILE A 218 24.55 -32.44 48.18
N ASN A 219 24.11 -33.68 47.92
CA ASN A 219 24.02 -34.73 48.94
C ASN A 219 24.66 -35.99 48.39
N ILE A 220 25.87 -35.85 47.84
CA ILE A 220 26.55 -36.99 47.22
C ILE A 220 26.82 -38.05 48.28
N TYR A 221 26.15 -39.20 48.15
CA TYR A 221 26.33 -40.27 49.11
C TYR A 221 27.69 -40.91 48.94
N SER A 222 28.46 -40.92 50.02
CA SER A 222 29.71 -41.66 50.09
C SER A 222 29.42 -43.10 50.49
N ASN A 223 30.46 -43.84 50.87
CA ASN A 223 30.24 -45.20 51.38
C ASN A 223 29.26 -45.20 52.55
N SER A 224 29.30 -44.16 53.39
CA SER A 224 28.43 -44.09 54.57
C SER A 224 27.44 -42.94 54.50
N LEU A 225 27.91 -41.70 54.36
CA LEU A 225 27.04 -40.54 54.44
C LEU A 225 27.82 -39.31 54.01
N GLU A 226 27.20 -38.47 53.18
CA GLU A 226 27.69 -37.13 52.92
C GLU A 226 26.59 -36.28 52.31
N ALA A 227 26.13 -35.25 53.02
CA ALA A 227 25.03 -34.44 52.54
C ALA A 227 25.24 -32.96 52.84
N VAL A 228 26.49 -32.49 52.83
CA VAL A 228 26.75 -31.08 53.14
C VAL A 228 26.06 -30.20 52.10
N ALA A 229 25.25 -29.26 52.58
CA ALA A 229 24.44 -28.42 51.70
C ALA A 229 25.30 -27.30 51.14
N ARG A 230 26.13 -27.66 50.17
CA ARG A 230 26.93 -26.69 49.45
C ARG A 230 25.99 -25.91 48.54
N SER A 231 25.63 -24.69 48.93
CA SER A 231 24.70 -23.90 48.14
C SER A 231 25.38 -23.37 46.89
N LEU A 232 25.58 -24.25 45.92
CA LEU A 232 26.27 -23.88 44.69
C LEU A 232 25.45 -22.84 43.94
N GLY A 233 26.17 -21.93 43.28
CA GLY A 233 25.53 -20.82 42.63
C GLY A 233 26.29 -20.35 41.41
N PRO A 234 26.47 -19.03 41.30
CA PRO A 234 27.13 -18.47 40.11
C PRO A 234 28.57 -18.89 39.93
N GLU A 235 29.17 -19.56 40.91
CA GLU A 235 30.52 -20.05 40.79
C GLU A 235 30.58 -21.45 40.22
N ASN A 236 29.49 -22.21 40.29
CA ASN A 236 29.45 -23.56 39.75
C ASN A 236 28.45 -23.76 38.63
N LEU A 237 27.39 -22.96 38.60
CA LEU A 237 26.38 -23.08 37.54
C LEU A 237 26.98 -22.61 36.23
N LEU A 238 27.28 -23.54 35.34
CA LEU A 238 27.80 -23.21 34.02
C LEU A 238 26.61 -23.01 33.08
N LEU A 239 26.41 -21.79 32.62
CA LEU A 239 25.19 -21.44 31.92
C LEU A 239 25.22 -21.93 30.49
N LYS A 240 24.04 -22.02 29.88
CA LYS A 240 23.90 -22.53 28.53
C LYS A 240 24.37 -21.50 27.52
N GLY A 241 25.11 -21.96 26.51
CA GLY A 241 25.53 -21.06 25.45
C GLY A 241 26.64 -20.10 25.81
N ALA A 242 27.42 -20.39 26.84
CA ALA A 242 28.58 -19.59 27.20
C ALA A 242 29.83 -20.40 26.90
N THR A 243 30.68 -19.87 26.02
CA THR A 243 31.83 -20.62 25.55
C THR A 243 32.89 -20.74 26.64
N LEU A 244 33.41 -21.95 26.82
CA LEU A 244 34.51 -22.18 27.73
C LEU A 244 35.82 -21.74 27.10
N LYS A 245 36.77 -21.32 27.93
CA LYS A 245 38.03 -20.77 27.45
C LYS A 245 39.19 -21.30 28.28
N ASN A 246 40.25 -21.71 27.58
CA ASN A 246 41.52 -22.10 28.20
C ASN A 246 41.33 -23.09 29.35
N THR A 247 40.61 -24.16 29.05
CA THR A 247 40.54 -25.33 29.93
C THR A 247 40.49 -26.55 29.04
N GLU A 248 41.35 -27.53 29.36
CA GLU A 248 41.51 -28.69 28.49
C GLU A 248 40.17 -29.41 28.31
N LYS A 249 39.44 -29.61 29.41
CA LYS A 249 38.16 -30.28 29.40
C LYS A 249 37.57 -30.20 30.80
N ILE A 250 36.24 -30.30 30.87
CA ILE A 250 35.50 -30.17 32.12
C ILE A 250 34.49 -31.30 32.21
N TYR A 251 33.94 -31.47 33.41
CA TYR A 251 32.94 -32.50 33.67
C TYR A 251 31.81 -31.90 34.47
N GLY A 252 30.63 -31.80 33.88
CA GLY A 252 29.45 -31.28 34.55
C GLY A 252 28.31 -32.27 34.51
N VAL A 253 27.18 -31.83 35.05
CA VAL A 253 25.92 -32.55 34.95
C VAL A 253 24.82 -31.52 34.75
N ALA A 254 23.85 -31.86 33.90
CA ALA A 254 22.83 -30.89 33.55
C ALA A 254 21.72 -30.85 34.59
N VAL A 255 21.43 -29.65 35.09
CA VAL A 255 20.30 -29.45 35.97
C VAL A 255 19.19 -28.61 35.34
N TYR A 256 19.46 -27.94 34.22
CA TYR A 256 18.45 -27.34 33.38
C TYR A 256 18.86 -27.58 31.94
N THR A 257 17.90 -27.94 31.10
CA THR A 257 18.17 -28.40 29.74
C THR A 257 17.34 -27.64 28.72
N GLY A 258 17.34 -26.32 28.78
CA GLY A 258 16.73 -25.57 27.71
C GLY A 258 15.24 -25.36 27.89
N MET A 259 14.78 -24.13 27.61
CA MET A 259 13.41 -23.71 27.84
C MET A 259 13.13 -23.68 29.34
N GLU A 260 14.10 -24.14 30.11
CA GLU A 260 14.12 -24.01 31.56
C GLU A 260 15.40 -23.38 32.08
N THR A 261 16.46 -23.38 31.28
CA THR A 261 17.71 -22.77 31.69
C THR A 261 17.56 -21.25 31.77
N LYS A 262 18.52 -20.62 32.44
CA LYS A 262 18.46 -19.17 32.60
C LYS A 262 18.60 -18.45 31.27
N MET A 263 19.36 -19.02 30.34
CA MET A 263 19.51 -18.38 29.03
C MET A 263 18.21 -18.37 28.26
N ALA A 264 17.45 -19.46 28.34
CA ALA A 264 16.18 -19.57 27.62
C ALA A 264 15.01 -19.07 28.45
N LEU A 265 15.26 -18.47 29.61
CA LEU A 265 14.22 -17.84 30.41
C LEU A 265 14.21 -16.32 30.29
N ASN A 266 14.88 -15.76 29.29
CA ASN A 266 14.95 -14.32 29.12
C ASN A 266 14.45 -13.85 27.77
N TYR A 267 13.76 -14.71 27.01
CA TYR A 267 13.22 -14.29 25.73
C TYR A 267 12.14 -13.21 25.90
N GLN A 268 11.04 -13.56 26.56
CA GLN A 268 9.91 -12.66 26.82
C GLN A 268 9.49 -11.87 25.58
N GLY A 269 8.98 -12.59 24.59
CA GLY A 269 8.44 -11.95 23.40
C GLY A 269 6.96 -11.65 23.50
N LYS A 270 6.57 -10.39 23.32
CA LYS A 270 5.18 -9.97 23.39
C LYS A 270 4.92 -8.80 22.45
N SER A 271 3.65 -8.46 22.29
CA SER A 271 3.20 -7.51 21.26
C SER A 271 3.11 -6.09 21.81
N GLN A 272 4.25 -5.40 21.77
CA GLN A 272 4.24 -3.95 21.93
C GLN A 272 3.98 -3.27 20.60
N LYS A 273 4.25 -3.97 19.51
CA LYS A 273 4.31 -3.35 18.20
C LYS A 273 2.94 -2.95 17.71
N ARG A 274 2.56 -1.73 18.05
CA ARG A 274 1.37 -1.11 17.49
C ARG A 274 1.62 0.37 17.35
N SER A 275 2.09 0.79 16.18
CA SER A 275 2.50 2.16 16.00
C SER A 275 1.26 3.03 15.80
N ALA A 276 1.47 4.35 15.79
CA ALA A 276 0.37 5.25 15.48
C ALA A 276 0.10 5.34 13.99
N VAL A 277 1.09 4.99 13.16
CA VAL A 277 0.87 4.91 11.72
C VAL A 277 0.29 3.57 11.32
N GLU A 278 0.17 2.63 12.25
CA GLU A 278 -0.50 1.38 11.97
C GLU A 278 -1.88 1.30 12.61
N LYS A 279 -2.24 2.29 13.41
CA LYS A 279 -3.62 2.42 13.87
C LYS A 279 -4.31 3.61 13.25
N SER A 280 -3.65 4.31 12.34
CA SER A 280 -4.30 5.23 11.41
C SER A 280 -4.66 4.54 10.12
N ILE A 281 -3.80 3.65 9.62
CA ILE A 281 -4.15 2.81 8.48
C ILE A 281 -5.51 2.18 8.70
N ASN A 282 -5.83 1.81 9.93
CA ASN A 282 -7.14 1.23 10.18
C ASN A 282 -8.23 2.30 10.23
N ALA A 283 -7.88 3.54 10.54
CA ALA A 283 -8.89 4.59 10.53
C ALA A 283 -9.21 5.03 9.11
N PHE A 284 -8.27 4.88 8.18
CA PHE A 284 -8.56 5.20 6.79
C PHE A 284 -9.30 4.07 6.11
N LEU A 285 -9.05 2.82 6.50
CA LEU A 285 -9.82 1.70 5.95
C LEU A 285 -11.27 1.78 6.40
N ILE A 286 -11.51 2.24 7.62
CA ILE A 286 -12.88 2.38 8.09
C ILE A 286 -13.57 3.51 7.33
N VAL A 287 -12.84 4.57 6.99
CA VAL A 287 -13.42 5.62 6.17
C VAL A 287 -13.65 5.13 4.75
N TYR A 288 -12.60 4.61 4.12
CA TYR A 288 -12.69 4.19 2.74
C TYR A 288 -13.63 3.02 2.54
N LEU A 289 -14.14 2.44 3.61
CA LEU A 289 -15.19 1.43 3.49
C LEU A 289 -16.57 2.04 3.55
N PHE A 290 -16.72 3.21 4.16
CA PHE A 290 -17.98 3.92 4.05
C PHE A 290 -18.09 4.65 2.72
N ILE A 291 -16.98 5.07 2.14
CA ILE A 291 -17.00 5.55 0.76
C ILE A 291 -17.41 4.43 -0.17
N LEU A 292 -17.09 3.18 0.17
CA LEU A 292 -17.47 2.08 -0.69
C LEU A 292 -18.93 1.68 -0.51
N LEU A 293 -19.44 1.74 0.72
CA LEU A 293 -20.86 1.48 0.92
C LEU A 293 -21.73 2.62 0.44
N THR A 294 -21.16 3.80 0.24
CA THR A 294 -21.94 4.90 -0.33
C THR A 294 -21.90 4.88 -1.84
N LYS A 295 -20.72 4.62 -2.43
CA LYS A 295 -20.65 4.48 -3.88
C LYS A 295 -21.51 3.33 -4.37
N ALA A 296 -21.72 2.32 -3.55
CA ALA A 296 -22.54 1.18 -3.98
C ALA A 296 -24.00 1.38 -3.66
N ALA A 297 -24.32 2.10 -2.58
CA ALA A 297 -25.72 2.38 -2.25
C ALA A 297 -26.29 3.50 -3.09
N VAL A 298 -25.47 4.50 -3.42
CA VAL A 298 -25.91 5.54 -4.35
C VAL A 298 -26.17 4.94 -5.72
N CYS A 299 -25.24 4.15 -6.22
CA CYS A 299 -25.38 3.62 -7.57
C CYS A 299 -26.43 2.53 -7.67
N THR A 300 -26.93 2.01 -6.55
CA THR A 300 -28.05 1.07 -6.61
C THR A 300 -29.38 1.81 -6.53
N THR A 301 -29.48 2.80 -5.65
CA THR A 301 -30.67 3.62 -5.60
C THR A 301 -30.93 4.27 -6.95
N LEU A 302 -29.86 4.70 -7.62
CA LEU A 302 -30.00 5.31 -8.94
C LEU A 302 -30.18 4.28 -10.04
N LYS A 303 -29.76 3.04 -9.83
CA LYS A 303 -29.97 2.04 -10.86
C LYS A 303 -31.42 1.66 -10.99
N TYR A 304 -32.18 1.71 -9.90
CA TYR A 304 -33.57 1.32 -9.91
C TYR A 304 -34.52 2.49 -10.08
N VAL A 305 -34.08 3.71 -9.77
CA VAL A 305 -34.83 4.87 -10.22
C VAL A 305 -34.72 5.01 -11.73
N TRP A 306 -33.54 4.78 -12.28
CA TRP A 306 -33.35 4.81 -13.72
C TRP A 306 -34.11 3.67 -14.40
N GLN A 307 -34.00 2.46 -13.85
CA GLN A 307 -34.63 1.29 -14.46
C GLN A 307 -36.15 1.33 -14.42
N SER A 308 -36.75 2.35 -13.78
CA SER A 308 -38.20 2.37 -13.66
C SER A 308 -38.87 2.52 -15.02
N THR A 309 -38.30 3.34 -15.89
CA THR A 309 -38.85 3.53 -17.22
C THR A 309 -38.76 2.22 -17.99
N PRO A 310 -39.87 1.67 -18.48
CA PRO A 310 -39.82 0.31 -19.04
C PRO A 310 -38.91 0.16 -20.22
N TYR A 311 -38.59 1.25 -20.92
CA TYR A 311 -37.62 1.19 -22.01
C TYR A 311 -36.21 1.46 -21.54
N ASN A 312 -35.98 1.53 -20.24
CA ASN A 312 -34.62 1.67 -19.72
C ASN A 312 -34.08 0.35 -19.19
N ASP A 313 -34.90 -0.68 -19.09
CA ASP A 313 -34.44 -2.05 -18.96
C ASP A 313 -35.05 -2.86 -20.09
N GLU A 314 -34.24 -3.70 -20.71
CA GLU A 314 -34.52 -4.37 -21.97
C GLU A 314 -35.13 -3.41 -23.00
N PRO A 315 -34.33 -2.50 -23.55
CA PRO A 315 -34.86 -1.53 -24.51
C PRO A 315 -34.99 -2.07 -25.92
N TRP A 316 -35.07 -3.39 -26.08
CA TRP A 316 -35.17 -4.19 -27.29
C TRP A 316 -33.86 -4.37 -28.04
N TYR A 317 -32.78 -3.65 -27.70
CA TYR A 317 -31.53 -4.04 -28.32
C TYR A 317 -30.74 -5.00 -27.45
N ASN A 318 -30.56 -4.69 -26.16
CA ASN A 318 -30.09 -5.68 -25.20
C ASN A 318 -31.28 -6.11 -24.36
N GLN A 319 -31.81 -7.29 -24.68
CA GLN A 319 -33.00 -7.81 -24.05
C GLN A 319 -32.61 -8.89 -23.07
N LYS A 320 -33.16 -8.83 -21.86
CA LYS A 320 -32.83 -9.79 -20.83
C LYS A 320 -33.10 -11.21 -21.31
N THR A 321 -32.50 -12.17 -20.62
CA THR A 321 -32.80 -13.57 -20.88
C THR A 321 -33.92 -14.02 -19.95
N GLN A 322 -34.50 -15.17 -20.28
CA GLN A 322 -35.65 -15.65 -19.51
C GLN A 322 -35.30 -15.85 -18.05
N LYS A 323 -34.10 -16.35 -17.77
CA LYS A 323 -33.68 -16.57 -16.40
C LYS A 323 -33.65 -15.26 -15.62
N GLU A 324 -32.96 -14.24 -16.15
CA GLU A 324 -32.83 -12.98 -15.43
C GLU A 324 -34.14 -12.21 -15.40
N ARG A 325 -35.00 -12.38 -16.40
CA ARG A 325 -36.26 -11.66 -16.41
C ARG A 325 -37.25 -12.21 -15.42
N GLU A 326 -36.93 -13.30 -14.73
CA GLU A 326 -37.84 -13.91 -13.77
C GLU A 326 -37.26 -14.00 -12.37
N THR A 327 -36.03 -13.52 -12.16
CA THR A 327 -35.47 -13.53 -10.82
C THR A 327 -36.27 -12.61 -9.92
N LEU A 328 -36.37 -12.98 -8.64
CA LEU A 328 -37.05 -12.14 -7.67
C LEU A 328 -36.44 -10.75 -7.65
N LYS A 329 -37.29 -9.73 -7.67
CA LYS A 329 -36.78 -8.36 -7.66
C LYS A 329 -36.05 -8.06 -6.36
N VAL A 330 -36.55 -8.59 -5.24
CA VAL A 330 -35.88 -8.38 -3.96
C VAL A 330 -34.48 -8.98 -3.99
N LEU A 331 -34.28 -10.04 -4.76
CA LEU A 331 -32.96 -10.66 -4.82
C LEU A 331 -32.05 -9.94 -5.79
N LYS A 332 -32.59 -9.47 -6.92
CA LYS A 332 -31.78 -8.69 -7.84
C LYS A 332 -31.27 -7.42 -7.18
N MET A 333 -32.11 -6.78 -6.36
CA MET A 333 -31.65 -5.59 -5.63
C MET A 333 -30.46 -5.92 -4.74
N PHE A 334 -30.32 -7.18 -4.32
CA PHE A 334 -29.17 -7.55 -3.52
C PHE A 334 -27.97 -7.88 -4.39
N THR A 335 -28.17 -8.68 -5.44
CA THR A 335 -27.07 -9.00 -6.34
C THR A 335 -26.56 -7.75 -7.07
N ASP A 336 -27.45 -6.81 -7.37
CA ASP A 336 -27.00 -5.54 -7.94
C ASP A 336 -26.14 -4.78 -6.95
N PHE A 337 -26.39 -4.93 -5.65
CA PHE A 337 -25.56 -4.27 -4.66
C PHE A 337 -24.20 -4.94 -4.53
N LEU A 338 -24.16 -6.27 -4.58
CA LEU A 338 -22.88 -6.96 -4.55
C LEU A 338 -22.06 -6.65 -5.78
N SER A 339 -22.71 -6.52 -6.93
CA SER A 339 -21.98 -6.23 -8.16
C SER A 339 -21.44 -4.81 -8.17
N PHE A 340 -21.91 -3.93 -7.29
CA PHE A 340 -21.33 -2.61 -7.15
C PHE A 340 -20.25 -2.57 -6.09
N MET A 341 -20.34 -3.40 -5.07
CA MET A 341 -19.21 -3.57 -4.17
C MET A 341 -18.06 -4.25 -4.88
N VAL A 342 -18.36 -5.22 -5.77
CA VAL A 342 -17.30 -5.92 -6.47
C VAL A 342 -16.67 -5.01 -7.50
N LEU A 343 -17.48 -4.19 -8.18
CA LEU A 343 -16.96 -3.30 -9.20
C LEU A 343 -16.03 -2.26 -8.60
N PHE A 344 -16.46 -1.62 -7.51
CA PHE A 344 -15.65 -0.61 -6.84
C PHE A 344 -14.72 -1.21 -5.80
N ASN A 345 -14.49 -2.51 -5.82
CA ASN A 345 -13.78 -3.12 -4.72
C ASN A 345 -12.32 -2.71 -4.65
N PHE A 346 -11.80 -2.04 -5.68
CA PHE A 346 -10.40 -1.67 -5.69
C PHE A 346 -10.13 -0.40 -4.90
N ILE A 347 -11.15 0.28 -4.40
CA ILE A 347 -10.94 1.51 -3.68
C ILE A 347 -10.19 1.29 -2.38
N ILE A 348 -10.12 0.04 -1.90
CA ILE A 348 -9.29 -0.34 -0.77
C ILE A 348 -8.01 -0.95 -1.34
N PRO A 349 -6.83 -0.44 -0.99
CA PRO A 349 -5.60 -0.88 -1.65
C PRO A 349 -5.23 -2.29 -1.23
N VAL A 350 -5.01 -3.15 -2.22
CA VAL A 350 -4.68 -4.54 -1.92
C VAL A 350 -3.24 -4.66 -1.48
N SER A 351 -2.31 -4.03 -2.21
CA SER A 351 -0.88 -4.21 -1.99
C SER A 351 -0.32 -3.26 -0.97
N MET A 352 -1.13 -2.78 -0.03
CA MET A 352 -0.60 -1.92 1.01
C MET A 352 0.04 -2.72 2.12
N TYR A 353 -0.62 -3.78 2.55
CA TYR A 353 -0.12 -4.56 3.66
C TYR A 353 1.23 -5.19 3.34
N VAL A 354 1.42 -5.62 2.09
CA VAL A 354 2.69 -6.23 1.74
C VAL A 354 3.77 -5.18 1.51
N THR A 355 3.39 -3.97 1.11
CA THR A 355 4.39 -2.94 0.91
C THR A 355 4.80 -2.29 2.21
N VAL A 356 3.84 -2.08 3.12
CA VAL A 356 4.17 -1.46 4.39
C VAL A 356 5.08 -2.36 5.20
N GLU A 357 4.94 -3.67 5.07
CA GLU A 357 5.74 -4.59 5.87
C GLU A 357 6.96 -5.10 5.14
N MET A 358 7.03 -4.95 3.82
CA MET A 358 8.28 -5.17 3.11
C MET A 358 9.20 -3.96 3.25
N GLN A 359 8.63 -2.79 3.51
CA GLN A 359 9.43 -1.61 3.74
C GLN A 359 10.00 -1.60 5.14
N LYS A 360 9.24 -2.08 6.11
CA LYS A 360 9.73 -2.13 7.48
C LYS A 360 10.86 -3.14 7.63
N PHE A 361 10.72 -4.29 6.99
CA PHE A 361 11.78 -5.28 7.03
C PHE A 361 13.06 -4.73 6.40
N LEU A 362 13.04 -4.44 5.10
CA LEU A 362 14.21 -3.93 4.42
C LEU A 362 14.65 -2.57 4.93
N GLY A 363 13.81 -1.89 5.70
CA GLY A 363 14.14 -0.54 6.09
C GLY A 363 14.83 -0.44 7.43
N SER A 364 14.58 -1.40 8.30
CA SER A 364 15.22 -1.42 9.61
C SER A 364 16.67 -1.85 9.52
N PHE A 365 17.21 -1.99 8.31
CA PHE A 365 18.62 -2.28 8.16
C PHE A 365 19.47 -1.03 8.19
N PHE A 366 18.89 0.12 7.86
CA PHE A 366 19.66 1.35 7.95
C PHE A 366 19.88 1.76 9.39
N ILE A 367 19.16 1.15 10.33
CA ILE A 367 19.33 1.49 11.74
C ILE A 367 20.41 0.65 12.40
N SER A 368 20.74 -0.49 11.82
CA SER A 368 21.81 -1.33 12.30
C SER A 368 23.06 -1.27 11.44
N TRP A 369 22.95 -0.93 10.16
CA TRP A 369 24.11 -0.70 9.32
C TRP A 369 24.79 0.62 9.60
N ASP A 370 24.19 1.49 10.39
CA ASP A 370 24.71 2.84 10.54
C ASP A 370 26.01 2.83 11.33
N LYS A 371 27.06 3.39 10.74
CA LYS A 371 28.36 3.45 11.38
C LYS A 371 28.40 4.45 12.53
N ASP A 372 27.37 5.26 12.70
CA ASP A 372 27.32 6.13 13.86
C ASP A 372 26.78 5.43 15.09
N PHE A 373 26.11 4.29 14.91
CA PHE A 373 25.72 3.42 16.01
C PHE A 373 26.75 2.31 16.17
N TYR A 374 28.00 2.69 16.35
CA TYR A 374 29.05 1.69 16.49
C TYR A 374 30.00 2.12 17.60
N ASP A 375 30.22 1.24 18.56
CA ASP A 375 31.09 1.50 19.69
C ASP A 375 32.38 0.74 19.49
N GLU A 376 33.50 1.46 19.48
CA GLU A 376 34.79 0.79 19.35
C GLU A 376 35.17 0.00 20.59
N GLU A 377 34.60 0.35 21.74
CA GLU A 377 34.90 -0.38 22.97
C GLU A 377 34.09 -1.69 23.02
N ILE A 378 32.77 -1.58 23.06
CA ILE A 378 31.92 -2.77 23.05
C ILE A 378 32.16 -3.58 21.78
N ASN A 379 32.52 -2.91 20.68
CA ASN A 379 32.65 -3.55 19.38
C ASN A 379 31.34 -4.19 18.97
N GLU A 380 30.29 -3.37 18.95
CA GLU A 380 28.97 -3.83 18.55
C GLU A 380 28.20 -2.62 18.04
N GLY A 381 27.14 -2.90 17.28
CA GLY A 381 26.40 -1.82 16.66
C GLY A 381 25.06 -1.58 17.31
N ALA A 382 24.07 -1.14 16.53
CA ALA A 382 22.71 -1.08 17.01
C ALA A 382 22.04 -2.42 16.80
N LEU A 383 20.77 -2.51 17.14
CA LEU A 383 20.08 -3.78 17.12
C LEU A 383 18.59 -3.52 16.92
N VAL A 384 17.95 -4.37 16.14
CA VAL A 384 16.53 -4.25 15.86
C VAL A 384 15.85 -5.51 16.35
N ASN A 385 15.11 -5.41 17.44
CA ASN A 385 14.35 -6.55 17.91
C ASN A 385 12.95 -6.59 17.32
N THR A 386 12.37 -5.43 17.01
CA THR A 386 11.09 -5.37 16.31
C THR A 386 11.16 -4.32 15.23
N SER A 387 10.76 -4.71 14.03
CA SER A 387 10.77 -3.80 12.88
C SER A 387 9.40 -3.19 12.63
N ASP A 388 8.55 -3.13 13.66
CA ASP A 388 7.22 -2.58 13.49
C ASP A 388 7.00 -1.24 14.17
N LEU A 389 7.97 -0.77 14.94
CA LEU A 389 7.87 0.54 15.58
C LEU A 389 8.80 1.54 14.95
N ASN A 390 9.34 1.25 13.77
CA ASN A 390 10.28 2.16 13.12
C ASN A 390 9.74 3.57 13.07
N GLU A 391 8.48 3.72 12.70
CA GLU A 391 7.87 5.04 12.61
C GLU A 391 7.51 5.62 13.95
N GLU A 392 7.70 4.88 15.04
CA GLU A 392 7.43 5.42 16.35
C GLU A 392 8.60 6.19 16.91
N LEU A 393 9.77 6.10 16.29
CA LEU A 393 10.88 6.90 16.75
C LEU A 393 10.70 8.36 16.38
N GLY A 394 9.94 8.64 15.33
CA GLY A 394 9.74 10.02 14.93
C GLY A 394 8.46 10.62 15.44
N GLN A 395 7.83 9.97 16.41
CA GLN A 395 6.61 10.47 17.00
C GLN A 395 6.69 10.63 18.51
N VAL A 396 7.86 10.42 19.10
CA VAL A 396 8.00 10.42 20.55
C VAL A 396 7.63 11.78 21.11
N ASP A 397 6.84 11.78 22.19
CA ASP A 397 6.52 13.01 22.91
C ASP A 397 7.17 13.08 24.28
N TYR A 398 7.45 11.94 24.91
CA TYR A 398 8.10 11.90 26.21
C TYR A 398 9.27 10.94 26.15
N VAL A 399 10.25 11.15 26.99
CA VAL A 399 11.40 10.25 27.11
C VAL A 399 11.59 9.92 28.57
N PHE A 400 11.72 8.64 28.89
CA PHE A 400 11.92 8.16 30.25
C PHE A 400 13.26 7.46 30.33
N THR A 401 14.20 8.06 31.03
CA THR A 401 15.57 7.63 31.06
C THR A 401 15.85 6.84 32.34
N ASP A 402 17.12 6.54 32.59
CA ASP A 402 17.56 5.89 33.82
C ASP A 402 18.93 6.42 34.14
N LYS A 403 19.06 7.08 35.29
CA LYS A 403 20.27 7.83 35.61
C LYS A 403 21.54 6.98 35.56
N THR A 404 21.67 6.03 36.47
CA THR A 404 22.92 5.28 36.59
C THR A 404 23.00 4.25 35.49
N GLY A 405 23.91 4.45 34.55
CA GLY A 405 24.09 3.50 33.48
C GLY A 405 23.85 4.06 32.10
N THR A 406 22.81 4.89 31.95
CA THR A 406 22.55 5.56 30.68
C THR A 406 23.08 6.99 30.67
N LEU A 407 22.74 7.78 31.68
CA LEU A 407 23.27 9.13 31.73
C LEU A 407 24.63 9.20 32.42
N THR A 408 24.94 8.26 33.30
CA THR A 408 26.24 8.20 33.95
C THR A 408 26.82 6.81 33.77
N GLU A 409 28.06 6.74 33.29
CA GLU A 409 28.71 5.47 33.06
C GLU A 409 29.11 4.81 34.38
N ASN A 410 29.78 3.67 34.28
CA ASN A 410 30.24 2.94 35.46
C ASN A 410 31.76 2.86 35.49
N LYS A 644 29.71 11.57 37.31
CA LYS A 644 30.07 12.10 36.01
C LYS A 644 29.15 11.53 34.92
N LEU A 645 28.84 12.35 33.93
CA LEU A 645 27.96 11.92 32.85
C LEU A 645 28.73 11.03 31.88
N GLN A 646 28.07 10.68 30.79
CA GLN A 646 28.70 9.88 29.75
C GLN A 646 29.26 10.82 28.69
N ASP A 647 29.63 10.28 27.52
CA ASP A 647 30.31 11.05 26.49
C ASP A 647 29.57 12.36 26.18
N GLN A 648 28.30 12.25 25.82
CA GLN A 648 27.52 13.43 25.45
C GLN A 648 26.11 13.35 26.02
N ALA A 649 26.02 12.94 27.29
CA ALA A 649 24.71 12.83 27.91
C ALA A 649 24.12 14.15 28.32
N ALA A 650 24.84 15.25 28.12
CA ALA A 650 24.33 16.59 28.43
C ALA A 650 23.89 17.34 27.19
N GLU A 651 24.64 17.22 26.09
CA GLU A 651 24.24 17.86 24.86
C GLU A 651 23.10 17.14 24.17
N THR A 652 22.85 15.88 24.50
CA THR A 652 21.71 15.19 23.91
C THR A 652 20.41 15.66 24.52
N ILE A 653 20.36 15.87 25.84
CA ILE A 653 19.15 16.36 26.47
C ILE A 653 18.81 17.76 25.99
N GLU A 654 19.80 18.55 25.55
CA GLU A 654 19.46 19.78 24.85
C GLU A 654 18.74 19.45 23.55
N ALA A 655 19.34 18.61 22.72
CA ALA A 655 18.73 18.20 21.47
C ALA A 655 17.39 17.52 21.68
N LEU A 656 17.14 16.97 22.86
CA LEU A 656 15.85 16.40 23.17
C LEU A 656 14.88 17.43 23.72
N HIS A 657 15.37 18.56 24.21
CA HIS A 657 14.50 19.63 24.63
C HIS A 657 14.26 20.64 23.52
N ALA A 658 15.25 20.85 22.66
CA ALA A 658 15.03 21.69 21.48
C ALA A 658 13.98 21.06 20.57
N ALA A 659 13.97 19.74 20.48
CA ALA A 659 13.02 19.02 19.64
C ALA A 659 11.65 18.91 20.28
N GLY A 660 11.44 19.50 21.44
CA GLY A 660 10.12 19.58 22.03
C GLY A 660 9.72 18.43 22.92
N LEU A 661 10.54 17.39 23.02
CA LEU A 661 10.20 16.28 23.90
C LEU A 661 10.26 16.73 25.35
N LYS A 662 9.84 15.84 26.24
CA LYS A 662 9.93 16.06 27.67
C LYS A 662 10.69 14.91 28.28
N VAL A 663 11.85 15.19 28.85
CA VAL A 663 12.72 14.18 29.41
C VAL A 663 12.36 13.98 30.87
N TRP A 664 12.09 12.74 31.25
CA TRP A 664 11.82 12.36 32.62
C TRP A 664 12.88 11.36 33.05
N VAL A 665 13.60 11.67 34.12
CA VAL A 665 14.71 10.82 34.54
C VAL A 665 14.30 9.96 35.72
N LEU A 666 13.82 8.75 35.46
CA LEU A 666 13.33 7.85 36.49
C LEU A 666 14.50 7.03 37.03
N THR A 667 15.10 7.47 38.12
CA THR A 667 16.27 6.83 38.66
C THR A 667 15.93 5.99 39.88
N GLY A 668 16.70 4.93 40.08
CA GLY A 668 16.53 4.07 41.24
C GLY A 668 17.54 4.37 42.32
N ASP A 669 18.12 5.57 42.23
CA ASP A 669 19.15 6.05 43.12
C ASP A 669 18.55 7.03 44.12
N LYS A 670 19.41 7.68 44.90
CA LYS A 670 18.99 8.68 45.87
C LYS A 670 18.68 10.00 45.14
N MET A 671 18.48 11.07 45.90
CA MET A 671 18.14 12.37 45.31
C MET A 671 19.37 13.23 45.10
N GLU A 672 20.14 13.47 46.17
CA GLU A 672 21.31 14.33 46.07
C GLU A 672 22.37 13.72 45.16
N THR A 673 22.47 12.39 45.10
CA THR A 673 23.38 11.78 44.15
C THR A 673 22.85 11.86 42.73
N ALA A 674 21.56 12.11 42.57
CA ALA A 674 20.95 12.22 41.25
C ALA A 674 20.75 13.68 40.85
N LYS A 675 20.07 14.45 41.68
CA LYS A 675 19.76 15.84 41.33
C LYS A 675 21.03 16.67 41.21
N SER A 676 21.88 16.63 42.24
CA SER A 676 23.09 17.44 42.23
C SER A 676 24.03 17.03 41.12
N THR A 677 23.82 15.85 40.55
CA THR A 677 24.49 15.49 39.30
C THR A 677 23.65 15.89 38.09
N CYS A 678 22.32 15.98 38.25
CA CYS A 678 21.47 16.45 37.18
C CYS A 678 21.72 17.91 36.86
N TYR A 679 22.23 18.66 37.85
CA TYR A 679 22.75 20.00 37.59
C TYR A 679 23.90 19.97 36.58
N ALA A 680 24.52 18.80 36.38
CA ALA A 680 25.49 18.60 35.31
C ALA A 680 24.89 17.91 34.10
N CYS A 681 23.88 17.04 34.29
CA CYS A 681 23.25 16.36 33.16
C CYS A 681 22.64 17.35 32.17
N ARG A 682 22.39 18.58 32.60
CA ARG A 682 21.97 19.67 31.72
C ARG A 682 20.57 19.48 31.17
N LEU A 683 19.73 18.73 31.87
CA LEU A 683 18.29 18.84 31.64
C LEU A 683 17.71 19.99 32.44
N PHE A 684 18.29 20.24 33.62
CA PHE A 684 17.93 21.37 34.48
C PHE A 684 18.85 22.52 34.12
N GLN A 685 18.32 23.53 33.43
CA GLN A 685 19.13 24.69 33.12
C GLN A 685 19.30 25.56 34.36
N THR A 686 20.20 26.54 34.23
CA THR A 686 20.58 27.35 35.38
C THR A 686 19.42 28.19 35.89
N ASN A 687 18.74 28.89 34.99
CA ASN A 687 17.60 29.72 35.37
C ASN A 687 16.29 28.95 35.24
N THR A 688 16.26 27.77 35.87
CA THR A 688 15.08 26.94 35.92
C THR A 688 14.59 26.89 37.36
N GLU A 689 13.44 27.51 37.61
CA GLU A 689 12.82 27.42 38.92
C GLU A 689 12.47 25.97 39.19
N LEU A 690 13.02 25.41 40.26
CA LEU A 690 12.77 24.02 40.61
C LEU A 690 11.70 23.93 41.70
N LEU A 691 10.69 23.09 41.46
CA LEU A 691 9.62 22.86 42.41
C LEU A 691 9.75 21.44 42.93
N GLU A 692 10.17 21.30 44.18
CA GLU A 692 10.62 20.02 44.70
C GLU A 692 9.57 19.41 45.62
N LEU A 693 9.21 18.16 45.37
CA LEU A 693 8.30 17.39 46.20
C LEU A 693 9.01 16.25 46.91
N THR A 694 10.29 16.43 47.23
CA THR A 694 11.06 15.39 47.88
C THR A 694 10.69 15.30 49.36
N THR A 695 11.10 14.18 49.96
CA THR A 695 10.70 13.90 51.34
C THR A 695 11.30 14.88 52.33
N LYS A 696 12.52 15.36 52.07
CA LYS A 696 13.21 16.26 53.00
C LYS A 696 12.52 17.62 53.14
N THR A 697 11.42 17.86 52.42
CA THR A 697 10.64 19.08 52.59
C THR A 697 9.15 18.81 52.74
N ILE A 698 8.71 17.57 52.59
CA ILE A 698 7.29 17.25 52.57
C ILE A 698 6.98 16.24 53.68
N GLU A 699 7.63 16.40 54.83
CA GLU A 699 7.41 15.44 55.91
C GLU A 699 6.07 15.70 56.59
N GLU A 700 5.01 15.74 55.79
CA GLU A 700 3.64 15.84 56.27
C GLU A 700 2.70 15.60 55.09
N SER A 701 1.76 14.67 55.25
CA SER A 701 0.96 14.24 54.10
C SER A 701 0.05 15.36 53.61
N GLU A 702 -0.69 15.99 54.52
CA GLU A 702 -1.68 16.98 54.10
C GLU A 702 -1.04 18.24 53.54
N ARG A 703 0.13 18.63 54.05
CA ARG A 703 0.87 19.74 53.46
C ARG A 703 1.10 19.51 51.97
N LYS A 704 1.38 18.26 51.61
CA LYS A 704 1.54 17.93 50.19
C LYS A 704 0.27 18.23 49.41
N GLU A 705 -0.89 17.83 49.95
CA GLU A 705 -2.14 18.22 49.31
C GLU A 705 -2.28 19.72 49.23
N ASP A 706 -1.73 20.45 50.20
CA ASP A 706 -1.61 21.89 50.05
C ASP A 706 -0.47 22.23 49.12
N ARG A 707 0.68 21.54 49.26
CA ARG A 707 1.80 21.76 48.35
C ARG A 707 1.36 21.63 46.91
N LEU A 708 0.79 20.48 46.55
CA LEU A 708 0.13 20.33 45.26
C LEU A 708 -0.73 21.54 44.94
N HIS A 709 -1.50 22.01 45.92
CA HIS A 709 -2.45 23.09 45.69
C HIS A 709 -1.79 24.46 45.63
N GLU A 710 -0.90 24.76 46.59
CA GLU A 710 -0.33 26.11 46.63
C GLU A 710 0.66 26.33 45.50
N LEU A 711 1.44 25.32 45.13
CA LEU A 711 2.30 25.52 43.98
C LEU A 711 1.53 25.39 42.67
N LEU A 712 0.23 25.12 42.71
CA LEU A 712 -0.57 25.06 41.48
C LEU A 712 -1.62 26.16 41.40
N ILE A 713 -2.54 26.23 42.37
CA ILE A 713 -3.67 27.14 42.22
C ILE A 713 -3.27 28.58 42.51
N GLU A 714 -2.29 28.78 43.39
CA GLU A 714 -1.79 30.11 43.66
C GLU A 714 -0.40 30.36 43.08
N TYR A 715 0.28 29.33 42.59
CA TYR A 715 1.62 29.50 42.01
C TYR A 715 1.69 29.11 40.54
N ARG A 716 1.26 27.90 40.18
CA ARG A 716 1.52 27.44 38.83
C ARG A 716 0.60 28.10 37.80
N LYS A 717 -0.58 28.57 38.20
CA LYS A 717 -1.49 29.21 37.27
C LYS A 717 -1.74 30.68 37.56
N LYS A 718 -1.17 31.23 38.63
CA LYS A 718 -1.35 32.62 38.95
C LYS A 718 -0.22 33.51 38.44
N LEU A 719 0.82 32.92 37.86
CA LEU A 719 1.87 33.70 37.21
C LEU A 719 1.63 33.78 35.71
N GLU A 736 6.78 26.60 29.26
CA GLU A 736 7.74 27.05 30.25
C GLU A 736 8.90 26.07 30.34
N HIS A 737 9.59 25.88 29.21
CA HIS A 737 10.60 24.83 29.10
C HIS A 737 11.82 25.14 29.94
N GLN A 738 12.40 26.33 29.77
CA GLN A 738 13.54 26.75 30.58
C GLN A 738 13.14 27.24 31.95
N GLU A 739 11.89 27.06 32.36
CA GLU A 739 11.37 27.68 33.56
C GLU A 739 11.21 26.71 34.73
N TYR A 740 10.44 25.65 34.57
CA TYR A 740 10.11 24.79 35.70
C TYR A 740 10.55 23.36 35.45
N GLY A 741 11.15 22.77 36.47
CA GLY A 741 11.45 21.35 36.50
C GLY A 741 11.01 20.70 37.78
N LEU A 742 10.09 19.74 37.70
CA LEU A 742 9.59 19.05 38.87
C LEU A 742 10.58 18.01 39.35
N ILE A 743 10.64 17.80 40.66
CA ILE A 743 11.52 16.82 41.28
C ILE A 743 10.71 16.03 42.29
N ILE A 744 10.56 14.74 42.06
CA ILE A 744 9.77 13.90 42.95
C ILE A 744 10.68 12.88 43.60
N ASP A 745 10.14 12.07 44.50
CA ASP A 745 10.85 10.93 45.03
C ASP A 745 9.95 9.71 44.94
N GLY A 746 10.43 8.56 45.41
CA GLY A 746 9.63 7.37 45.30
C GLY A 746 8.53 7.33 46.33
N SER A 747 8.73 8.04 47.44
CA SER A 747 7.77 7.95 48.55
C SER A 747 6.59 8.89 48.34
N THR A 748 6.85 10.19 48.27
CA THR A 748 5.74 11.14 48.13
C THR A 748 4.97 10.92 46.85
N LEU A 749 5.60 10.32 45.85
CA LEU A 749 4.87 10.00 44.63
C LEU A 749 3.96 8.79 44.82
N SER A 750 4.34 7.87 45.71
CA SER A 750 3.51 6.70 45.92
C SER A 750 2.12 7.08 46.38
N LEU A 751 2.02 8.04 47.30
CA LEU A 751 0.72 8.45 47.81
C LEU A 751 -0.13 9.09 46.72
N ILE A 752 0.50 9.71 45.72
CA ILE A 752 -0.26 10.39 44.68
C ILE A 752 -0.92 9.39 43.75
N LEU A 753 -0.41 8.18 43.65
CA LEU A 753 -1.00 7.17 42.79
C LEU A 753 -1.62 6.00 43.55
N ASN A 754 -0.97 5.55 44.63
CA ASN A 754 -1.44 4.36 45.32
C ASN A 754 -2.83 4.57 45.93
N SER A 755 -2.95 5.58 46.80
CA SER A 755 -4.14 5.78 47.61
C SER A 755 -4.85 7.08 47.29
N SER A 756 -5.10 7.35 46.00
CA SER A 756 -5.71 8.59 45.58
C SER A 756 -7.20 8.46 45.30
N GLN A 757 -7.92 7.64 46.06
CA GLN A 757 -9.35 7.41 45.83
C GLN A 757 -10.20 7.71 47.06
N ASP A 758 -9.82 8.73 47.83
CA ASP A 758 -10.53 9.07 49.06
C ASP A 758 -11.50 10.24 48.88
N SER A 759 -10.99 11.38 48.43
CA SER A 759 -11.80 12.56 48.14
C SER A 759 -11.84 12.78 46.64
N SER A 760 -13.04 12.84 46.08
CA SER A 760 -13.25 13.02 44.66
C SER A 760 -13.51 14.47 44.28
N SER A 761 -13.41 15.40 45.23
CA SER A 761 -13.65 16.81 44.94
C SER A 761 -12.46 17.44 44.23
N ASN A 762 -11.25 17.23 44.77
CA ASN A 762 -10.03 17.66 44.10
C ASN A 762 -8.94 16.65 44.49
N ASN A 763 -8.74 15.66 43.63
CA ASN A 763 -7.92 14.50 43.97
C ASN A 763 -6.45 14.87 44.05
N TYR A 764 -5.68 14.00 44.71
CA TYR A 764 -4.22 14.11 44.64
C TYR A 764 -3.74 13.89 43.20
N LYS A 765 -4.41 13.01 42.47
CA LYS A 765 -3.90 12.59 41.16
C LYS A 765 -4.26 13.61 40.08
N SER A 766 -5.55 13.91 39.93
CA SER A 766 -5.99 14.78 38.83
C SER A 766 -5.27 16.12 38.85
N ILE A 767 -4.74 16.52 40.01
CA ILE A 767 -3.96 17.75 40.09
C ILE A 767 -2.51 17.51 39.74
N PHE A 768 -1.99 16.32 40.05
CA PHE A 768 -0.61 16.01 39.68
C PHE A 768 -0.46 15.90 38.16
N LEU A 769 -1.51 15.48 37.46
CA LEU A 769 -1.45 15.38 36.02
C LEU A 769 -1.49 16.73 35.33
N GLN A 770 -1.58 17.82 36.08
CA GLN A 770 -1.62 19.13 35.45
C GLN A 770 -0.24 19.73 35.32
N ILE A 771 0.67 19.36 36.22
CA ILE A 771 2.05 19.81 36.11
C ILE A 771 2.93 18.80 35.39
N CYS A 772 2.54 17.53 35.35
CA CYS A 772 3.33 16.55 34.62
C CYS A 772 3.16 16.71 33.12
N MET A 773 2.17 17.50 32.69
CA MET A 773 1.98 17.73 31.27
C MET A 773 2.80 18.90 30.77
N LYS A 774 3.07 19.88 31.63
CA LYS A 774 3.74 21.09 31.22
C LYS A 774 5.19 21.16 31.66
N CYS A 775 5.59 20.36 32.64
CA CYS A 775 6.95 20.38 33.15
C CYS A 775 7.84 19.56 32.22
N THR A 776 8.83 20.22 31.62
CA THR A 776 9.68 19.56 30.63
C THR A 776 10.77 18.71 31.27
N ALA A 777 11.22 19.05 32.46
CA ALA A 777 12.22 18.26 33.17
C ALA A 777 11.59 17.72 34.44
N VAL A 778 11.73 16.43 34.66
CA VAL A 778 11.20 15.76 35.84
C VAL A 778 12.19 14.69 36.26
N LEU A 779 12.37 14.53 37.57
CA LEU A 779 13.41 13.65 38.10
C LEU A 779 12.84 12.90 39.29
N CYS A 780 12.45 11.65 39.08
CA CYS A 780 11.86 10.82 40.12
C CYS A 780 12.95 9.98 40.76
N CYS A 781 13.23 10.23 42.03
CA CYS A 781 14.34 9.60 42.72
C CYS A 781 13.84 8.52 43.67
N ARG A 782 14.69 7.52 43.91
CA ARG A 782 14.36 6.38 44.76
C ARG A 782 13.09 5.68 44.28
N MET A 783 13.10 5.30 43.00
CA MET A 783 11.96 4.66 42.37
C MET A 783 12.19 3.15 42.32
N ALA A 784 11.30 2.39 42.95
CA ALA A 784 11.31 0.95 42.83
C ALA A 784 11.06 0.56 41.38
N PRO A 785 11.46 -0.64 40.96
CA PRO A 785 11.27 -1.02 39.57
C PRO A 785 9.82 -1.09 39.14
N LEU A 786 8.89 -1.10 40.10
CA LEU A 786 7.48 -1.22 39.78
C LEU A 786 6.77 0.12 39.70
N GLN A 787 7.45 1.21 40.08
CA GLN A 787 6.91 2.54 39.86
C GLN A 787 7.31 3.11 38.51
N LYS A 788 8.43 2.65 37.94
CA LYS A 788 8.81 3.10 36.62
C LYS A 788 7.79 2.68 35.58
N ALA A 789 7.11 1.56 35.80
CA ALA A 789 6.04 1.18 34.91
C ALA A 789 4.72 1.83 35.26
N GLN A 790 4.60 2.37 36.47
CA GLN A 790 3.43 3.17 36.81
C GLN A 790 3.47 4.52 36.12
N ILE A 791 4.60 5.22 36.24
CA ILE A 791 4.71 6.57 35.71
C ILE A 791 4.55 6.56 34.19
N VAL A 792 5.11 5.57 33.52
CA VAL A 792 4.86 5.46 32.09
C VAL A 792 3.38 5.21 31.84
N ARG A 793 2.76 4.34 32.66
CA ARG A 793 1.35 4.03 32.42
C ARG A 793 0.46 5.21 32.73
N MET A 794 0.81 6.00 33.74
CA MET A 794 0.02 7.19 34.03
C MET A 794 0.14 8.21 32.91
N VAL A 795 1.36 8.42 32.41
CA VAL A 795 1.56 9.40 31.35
C VAL A 795 0.96 8.91 30.04
N LYS A 796 0.98 7.62 29.79
CA LYS A 796 0.40 7.10 28.55
C LYS A 796 -1.08 7.35 28.43
N ASN A 797 -1.75 7.73 29.50
CA ASN A 797 -3.20 7.76 29.50
C ASN A 797 -3.80 9.16 29.38
N LEU A 798 -3.09 10.19 29.80
CA LEU A 798 -3.70 11.50 29.90
C LEU A 798 -3.80 12.17 28.53
N LYS A 799 -4.94 12.82 28.30
CA LYS A 799 -5.15 13.75 27.19
C LYS A 799 -4.64 13.19 25.87
N GLY A 800 -5.26 12.10 25.44
CA GLY A 800 -4.92 11.51 24.17
C GLY A 800 -3.94 10.37 24.30
N SER A 801 -2.73 10.57 23.82
CA SER A 801 -1.75 9.50 23.86
C SER A 801 -0.36 10.05 23.69
N PRO A 802 0.25 10.60 24.72
CA PRO A 802 1.64 11.04 24.58
C PRO A 802 2.52 9.85 24.30
N ILE A 803 3.08 9.77 23.11
CA ILE A 803 3.88 8.60 22.73
C ILE A 803 5.17 8.63 23.54
N THR A 804 5.30 7.70 24.47
CA THR A 804 6.40 7.68 25.42
C THR A 804 7.48 6.70 24.97
N LEU A 805 8.73 7.10 25.14
CA LEU A 805 9.88 6.23 24.97
C LEU A 805 10.50 6.00 26.33
N SER A 806 11.20 4.88 26.47
CA SER A 806 11.87 4.56 27.72
C SER A 806 13.19 3.88 27.39
N ILE A 807 14.29 4.45 27.87
CA ILE A 807 15.63 3.98 27.56
C ILE A 807 16.32 3.67 28.87
N GLY A 808 16.81 2.45 29.00
CA GLY A 808 17.51 2.05 30.20
C GLY A 808 18.50 0.95 29.89
N ASP A 809 19.34 0.66 30.87
CA ASP A 809 20.40 -0.32 30.70
C ASP A 809 20.38 -1.48 31.69
N GLY A 810 19.77 -1.31 32.86
CA GLY A 810 19.75 -2.36 33.86
C GLY A 810 18.55 -3.27 33.73
N ALA A 811 18.48 -4.23 34.65
CA ALA A 811 17.35 -5.15 34.68
C ALA A 811 16.15 -4.58 35.40
N ASN A 812 16.31 -3.46 36.11
CA ASN A 812 15.16 -2.79 36.69
C ASN A 812 14.43 -1.92 35.68
N ASP A 813 15.06 -1.64 34.54
CA ASP A 813 14.43 -0.89 33.46
C ASP A 813 13.81 -1.80 32.41
N VAL A 814 13.32 -2.96 32.81
CA VAL A 814 12.60 -3.82 31.88
C VAL A 814 11.09 -3.67 32.02
N SER A 815 10.61 -3.13 33.15
CA SER A 815 9.19 -2.86 33.26
C SER A 815 8.78 -1.71 32.36
N MET A 816 9.54 -0.61 32.39
CA MET A 816 9.19 0.54 31.57
C MET A 816 9.62 0.37 30.13
N ILE A 817 10.60 -0.49 29.86
CA ILE A 817 10.97 -0.76 28.48
C ILE A 817 9.91 -1.62 27.81
N LEU A 818 9.25 -2.47 28.58
CA LEU A 818 8.11 -3.22 28.06
C LEU A 818 6.83 -2.39 28.06
N GLU A 819 6.78 -1.32 28.86
CA GLU A 819 5.54 -0.59 29.03
C GLU A 819 5.34 0.46 27.94
N SER A 820 6.39 1.22 27.65
CA SER A 820 6.25 2.42 26.83
C SER A 820 5.91 2.06 25.39
N HIS A 821 5.76 3.10 24.57
CA HIS A 821 5.39 2.90 23.18
C HIS A 821 6.55 2.38 22.36
N VAL A 822 7.77 2.70 22.77
CA VAL A 822 8.98 2.15 22.18
C VAL A 822 10.02 2.06 23.29
N GLY A 823 10.78 0.97 23.31
CA GLY A 823 11.78 0.81 24.33
C GLY A 823 13.16 0.67 23.76
N ILE A 824 14.06 1.57 24.11
CA ILE A 824 15.42 1.57 23.60
C ILE A 824 16.34 1.09 24.71
N GLY A 825 16.87 -0.12 24.58
CA GLY A 825 17.71 -0.69 25.61
C GLY A 825 19.16 -0.41 25.33
N ILE A 826 19.86 0.07 26.33
CA ILE A 826 21.27 0.40 26.20
C ILE A 826 22.11 -0.83 26.50
N LYS A 827 22.99 -1.19 25.59
CA LYS A 827 23.93 -2.28 25.80
C LYS A 827 24.97 -1.77 26.78
N GLY A 828 24.66 -1.86 28.06
CA GLY A 828 25.51 -1.28 29.09
C GLY A 828 26.50 -2.23 29.70
N LYS A 829 26.98 -1.89 30.90
CA LYS A 829 27.91 -2.74 31.62
C LYS A 829 27.21 -3.67 32.59
N GLU A 830 25.97 -3.39 32.95
CA GLU A 830 25.26 -4.24 33.89
C GLU A 830 24.85 -5.57 33.25
N GLY A 831 24.22 -5.50 32.09
CA GLY A 831 23.90 -6.74 31.40
C GLY A 831 23.01 -6.48 30.20
N ARG A 832 22.71 -7.56 29.50
CA ARG A 832 21.84 -7.52 28.33
C ARG A 832 20.40 -7.83 28.66
N GLN A 833 19.94 -7.46 29.85
CA GLN A 833 18.54 -7.71 30.20
C GLN A 833 17.63 -6.61 29.67
N ALA A 834 18.08 -5.37 29.73
CA ALA A 834 17.32 -4.29 29.10
C ALA A 834 17.52 -4.24 27.60
N ALA A 835 18.66 -4.73 27.12
CA ALA A 835 18.98 -4.64 25.70
C ALA A 835 18.31 -5.73 24.88
N ARG A 836 17.74 -6.76 25.51
CA ARG A 836 17.13 -7.84 24.76
C ARG A 836 15.62 -7.89 24.90
N ASN A 837 15.05 -7.23 25.90
CA ASN A 837 13.62 -7.04 25.99
C ASN A 837 13.14 -5.83 25.22
N SER A 838 14.05 -4.95 24.85
CA SER A 838 13.71 -3.71 24.18
C SER A 838 13.36 -3.95 22.73
N ASP A 839 13.06 -2.87 22.03
CA ASP A 839 12.70 -2.90 20.61
C ASP A 839 13.90 -2.63 19.72
N TYR A 840 14.56 -1.51 19.92
CA TYR A 840 15.86 -1.21 19.33
C TYR A 840 16.85 -1.01 20.45
N SER A 841 18.10 -1.33 20.21
CA SER A 841 19.10 -1.22 21.27
C SER A 841 20.33 -0.54 20.72
N VAL A 842 20.84 0.45 21.45
CA VAL A 842 21.96 1.24 20.96
C VAL A 842 23.04 1.27 22.03
N PRO A 843 24.28 1.08 21.68
CA PRO A 843 25.32 0.92 22.70
C PRO A 843 25.85 2.21 23.26
N LYS A 844 24.98 3.17 23.58
CA LYS A 844 25.34 4.47 24.15
C LYS A 844 24.04 5.23 24.36
N PHE A 845 24.13 6.33 25.09
CA PHE A 845 22.97 7.21 25.18
C PHE A 845 22.97 8.27 24.11
N LYS A 846 24.15 8.82 23.78
CA LYS A 846 24.25 9.83 22.74
C LYS A 846 23.71 9.36 21.40
N HIS A 847 23.51 8.06 21.22
CA HIS A 847 22.86 7.55 20.02
C HIS A 847 21.37 7.77 20.04
N LEU A 848 20.84 8.46 21.05
CA LEU A 848 19.43 8.80 21.04
C LEU A 848 19.16 9.95 20.08
N LYS A 849 20.14 10.80 19.84
CA LYS A 849 19.97 11.90 18.91
C LYS A 849 19.74 11.38 17.50
N LYS A 850 20.73 10.68 16.96
CA LYS A 850 20.64 10.16 15.60
C LYS A 850 19.50 9.18 15.42
N LEU A 851 19.00 8.58 16.51
CA LEU A 851 17.93 7.59 16.37
C LEU A 851 16.58 8.27 16.23
N LEU A 852 16.22 9.15 17.17
CA LEU A 852 14.96 9.86 17.06
C LEU A 852 15.01 10.90 15.95
N LEU A 853 16.03 11.74 15.96
CA LEU A 853 15.99 12.94 15.12
C LEU A 853 16.23 12.63 13.66
N ALA A 854 17.19 11.76 13.35
CA ALA A 854 17.49 11.49 11.95
C ALA A 854 16.85 10.23 11.42
N HIS A 855 16.76 9.18 12.22
CA HIS A 855 16.13 7.94 11.77
C HIS A 855 14.63 7.92 12.02
N GLY A 856 14.19 8.41 13.17
CA GLY A 856 12.76 8.44 13.43
C GLY A 856 12.02 9.42 12.55
N HIS A 857 12.60 10.59 12.32
CA HIS A 857 11.97 11.56 11.45
C HIS A 857 11.89 11.05 10.03
N LEU A 858 12.94 10.37 9.56
CA LEU A 858 12.91 9.83 8.21
C LEU A 858 12.06 8.59 8.10
N TYR A 859 11.98 7.78 9.15
CA TYR A 859 11.18 6.58 9.08
C TYR A 859 9.69 6.88 9.07
N TYR A 860 9.29 7.95 9.76
CA TYR A 860 7.88 8.28 9.83
C TYR A 860 7.40 8.94 8.55
N VAL A 861 8.14 9.93 8.08
CA VAL A 861 7.79 10.62 6.84
C VAL A 861 7.70 9.64 5.68
N ARG A 862 8.54 8.61 5.67
CA ARG A 862 8.54 7.68 4.56
C ARG A 862 7.31 6.79 4.56
N ILE A 863 6.72 6.52 5.72
CA ILE A 863 5.58 5.63 5.78
C ILE A 863 4.29 6.42 5.89
N ALA A 864 4.35 7.63 6.44
CA ALA A 864 3.15 8.46 6.42
C ALA A 864 2.87 9.03 5.05
N HIS A 865 3.85 9.07 4.16
CA HIS A 865 3.62 9.45 2.78
C HIS A 865 3.39 8.26 1.87
N LEU A 866 3.67 7.06 2.34
CA LEU A 866 3.28 5.85 1.61
C LEU A 866 1.87 5.45 1.95
N VAL A 867 1.39 5.79 3.14
CA VAL A 867 0.03 5.47 3.53
C VAL A 867 -0.95 6.38 2.82
N GLN A 868 -0.68 7.68 2.82
CA GLN A 868 -1.55 8.62 2.13
C GLN A 868 -1.59 8.33 0.65
N TYR A 869 -0.45 8.04 0.04
CA TYR A 869 -0.40 7.84 -1.39
C TYR A 869 -1.05 6.53 -1.79
N PHE A 870 -1.16 5.57 -0.87
CA PHE A 870 -1.79 4.31 -1.23
C PHE A 870 -3.30 4.44 -1.30
N PHE A 871 -3.86 5.31 -0.47
CA PHE A 871 -5.30 5.53 -0.53
C PHE A 871 -5.64 6.54 -1.62
N TYR A 872 -4.73 7.47 -1.90
CA TYR A 872 -4.94 8.44 -2.95
C TYR A 872 -4.98 7.76 -4.31
N LYS A 873 -3.93 7.00 -4.65
CA LYS A 873 -3.80 6.48 -6.00
C LYS A 873 -4.85 5.42 -6.30
N ASN A 874 -5.72 5.12 -5.34
CA ASN A 874 -6.81 4.17 -5.57
C ASN A 874 -8.13 4.91 -5.76
N LEU A 875 -8.29 6.06 -5.11
CA LEU A 875 -9.48 6.86 -5.35
C LEU A 875 -9.43 7.51 -6.73
N CYS A 876 -8.24 7.91 -7.20
CA CYS A 876 -8.13 8.35 -8.58
C CYS A 876 -8.46 7.23 -9.55
N PHE A 877 -8.33 5.99 -9.08
CA PHE A 877 -8.53 4.83 -9.94
C PHE A 877 -10.01 4.53 -10.11
N ILE A 878 -10.76 4.56 -9.02
CA ILE A 878 -12.14 4.12 -9.02
C ILE A 878 -13.12 5.25 -9.28
N LEU A 879 -12.77 6.48 -8.95
CA LEU A 879 -13.73 7.56 -9.18
C LEU A 879 -14.09 7.71 -10.65
N PRO A 880 -13.18 7.52 -11.61
CA PRO A 880 -13.62 7.48 -13.01
C PRO A 880 -14.44 6.27 -13.37
N GLN A 881 -14.48 5.24 -12.52
CA GLN A 881 -15.34 4.09 -12.78
C GLN A 881 -16.66 4.21 -12.07
N PHE A 882 -16.73 5.03 -11.03
CA PHE A 882 -17.99 5.35 -10.40
C PHE A 882 -18.77 6.36 -11.24
N LEU A 883 -18.06 7.34 -11.82
CA LEU A 883 -18.74 8.33 -12.64
C LEU A 883 -19.30 7.70 -13.90
N TYR A 884 -18.59 6.73 -14.48
CA TYR A 884 -19.03 6.13 -15.71
C TYR A 884 -20.37 5.45 -15.58
N GLN A 885 -20.81 5.16 -14.36
CA GLN A 885 -22.07 4.47 -14.18
C GLN A 885 -23.24 5.36 -14.56
N PHE A 886 -23.06 6.67 -14.56
CA PHE A 886 -24.14 7.55 -14.96
C PHE A 886 -24.32 7.56 -16.47
N PHE A 887 -23.25 7.27 -17.21
CA PHE A 887 -23.28 7.23 -18.67
C PHE A 887 -23.36 5.82 -19.21
N CYS A 888 -23.11 4.82 -18.38
CA CYS A 888 -23.65 3.50 -18.57
C CYS A 888 -25.05 3.48 -17.93
N GLY A 889 -25.82 2.45 -18.22
CA GLY A 889 -27.15 2.48 -17.65
C GLY A 889 -27.16 2.13 -16.18
N PHE A 890 -26.25 2.71 -15.41
CA PHE A 890 -25.99 2.29 -14.03
C PHE A 890 -25.80 0.78 -13.95
N SER A 891 -25.36 0.18 -15.04
CA SER A 891 -25.35 -1.26 -15.21
C SER A 891 -24.04 -1.89 -14.83
N GLN A 892 -23.30 -1.29 -13.90
CA GLN A 892 -22.02 -1.80 -13.41
C GLN A 892 -21.14 -2.35 -14.52
N GLN A 893 -20.74 -1.51 -15.45
CA GLN A 893 -19.85 -1.90 -16.53
C GLN A 893 -18.46 -1.37 -16.23
N PRO A 894 -17.45 -2.22 -16.12
CA PRO A 894 -16.12 -1.72 -15.78
C PRO A 894 -15.57 -0.81 -16.87
N LEU A 895 -15.06 0.34 -16.46
CA LEU A 895 -14.51 1.28 -17.43
C LEU A 895 -13.23 0.75 -18.04
N TYR A 896 -12.37 0.15 -17.23
CA TYR A 896 -11.07 -0.34 -17.66
C TYR A 896 -11.12 -1.82 -18.02
N ASP A 897 -10.09 -2.27 -18.74
CA ASP A 897 -9.98 -3.67 -19.12
C ASP A 897 -9.79 -4.55 -17.89
N ALA A 898 -9.72 -5.86 -18.09
CA ALA A 898 -9.42 -6.76 -16.99
C ALA A 898 -7.94 -6.76 -16.67
N ALA A 899 -7.09 -6.77 -17.69
CA ALA A 899 -5.64 -6.76 -17.49
C ALA A 899 -5.14 -5.48 -16.86
N TYR A 900 -6.02 -4.51 -16.62
CA TYR A 900 -5.65 -3.26 -15.98
C TYR A 900 -6.18 -3.14 -14.57
N LEU A 901 -7.26 -3.83 -14.25
CA LEU A 901 -7.75 -3.80 -12.88
C LEU A 901 -6.89 -4.65 -11.97
N THR A 902 -6.19 -5.65 -12.52
CA THR A 902 -5.29 -6.44 -11.69
C THR A 902 -3.94 -5.77 -11.59
N MET A 903 -3.33 -5.46 -12.73
CA MET A 903 -1.93 -5.07 -12.76
C MET A 903 -1.70 -3.72 -12.11
N TYR A 904 -2.73 -2.89 -12.00
CA TYR A 904 -2.52 -1.51 -11.60
C TYR A 904 -1.85 -1.42 -10.23
N ASN A 905 -2.33 -2.19 -9.27
CA ASN A 905 -1.86 -2.02 -7.90
C ASN A 905 -0.58 -2.81 -7.66
N ILE A 906 -0.36 -3.88 -8.43
CA ILE A 906 0.79 -4.74 -8.20
C ILE A 906 1.89 -4.52 -9.23
N CYS A 907 1.57 -3.95 -10.38
CA CYS A 907 2.58 -3.88 -11.42
C CYS A 907 2.90 -2.46 -11.84
N PHE A 908 1.88 -1.66 -12.17
CA PHE A 908 2.13 -0.34 -12.73
C PHE A 908 2.49 0.68 -11.67
N THR A 909 1.95 0.56 -10.46
CA THR A 909 2.16 1.57 -9.44
C THR A 909 2.62 0.97 -8.12
N SER A 910 3.51 0.00 -8.15
CA SER A 910 3.88 -0.70 -6.93
C SER A 910 5.28 -0.36 -6.46
N LEU A 911 6.25 -0.33 -7.35
CA LEU A 911 7.64 -0.10 -7.00
C LEU A 911 7.98 1.37 -6.76
N PRO A 912 7.50 2.32 -7.56
CA PRO A 912 7.85 3.72 -7.31
C PRO A 912 7.56 4.21 -5.91
N ILE A 913 6.49 3.74 -5.27
CA ILE A 913 6.25 4.14 -3.88
C ILE A 913 7.04 3.28 -2.92
N LEU A 914 7.44 2.07 -3.30
CA LEU A 914 8.25 1.25 -2.42
C LEU A 914 9.68 1.79 -2.36
N ALA A 915 10.28 2.05 -3.52
CA ALA A 915 11.61 2.65 -3.54
C ALA A 915 11.61 3.99 -2.84
N TYR A 916 10.52 4.74 -2.94
CA TYR A 916 10.43 6.00 -2.23
C TYR A 916 10.57 5.78 -0.73
N SER A 917 9.77 4.87 -0.17
CA SER A 917 9.75 4.71 1.28
C SER A 917 11.02 4.10 1.83
N LEU A 918 11.96 3.70 0.99
CA LEU A 918 13.23 3.15 1.46
C LEU A 918 14.38 4.11 1.25
N LEU A 919 14.41 4.82 0.13
CA LEU A 919 15.43 5.83 -0.13
C LEU A 919 14.74 7.16 -0.39
N GLU A 920 14.46 7.91 0.67
CA GLU A 920 13.96 9.25 0.46
C GLU A 920 14.11 10.11 1.70
N GLN A 921 14.93 11.15 1.60
CA GLN A 921 15.24 12.02 2.72
C GLN A 921 14.70 13.41 2.39
N HIS A 922 13.50 13.73 2.88
CA HIS A 922 12.93 15.00 2.53
C HIS A 922 13.60 16.15 3.24
N ILE A 923 14.45 15.86 4.22
CA ILE A 923 15.44 16.81 4.72
C ILE A 923 16.76 16.06 4.80
N ASN A 924 17.80 16.60 4.17
CA ASN A 924 19.10 15.94 4.10
C ASN A 924 19.54 15.47 5.49
N ILE A 925 19.82 14.17 5.60
CA ILE A 925 20.02 13.51 6.88
C ILE A 925 21.10 14.16 7.74
N ASP A 926 21.96 15.00 7.16
CA ASP A 926 22.96 15.70 7.95
C ASP A 926 22.45 17.01 8.52
N THR A 927 21.49 17.64 7.86
CA THR A 927 20.86 18.82 8.43
C THR A 927 19.70 18.47 9.34
N LEU A 928 19.51 17.18 9.64
CA LEU A 928 18.47 16.73 10.54
C LEU A 928 18.99 16.53 11.95
N THR A 929 20.19 15.95 12.09
CA THR A 929 20.82 15.88 13.40
C THR A 929 21.46 17.20 13.79
N SER A 930 21.93 17.97 12.80
CA SER A 930 22.44 19.30 13.09
C SER A 930 21.36 20.23 13.58
N ASP A 931 20.13 20.07 13.08
CA ASP A 931 19.02 20.97 13.40
C ASP A 931 17.87 20.18 13.99
N PRO A 932 17.72 20.17 15.30
CA PRO A 932 16.48 19.63 15.89
C PRO A 932 15.46 20.72 16.12
N ARG A 933 15.92 21.97 16.04
CA ARG A 933 15.24 23.15 16.59
C ARG A 933 13.74 23.12 16.39
N LEU A 934 13.31 22.69 15.22
CA LEU A 934 11.89 22.56 14.96
C LEU A 934 11.65 21.24 14.24
N TYR A 935 12.69 20.72 13.59
CA TYR A 935 12.48 19.65 12.61
C TYR A 935 11.72 18.47 13.19
N MET A 936 12.04 18.08 14.41
CA MET A 936 11.27 17.02 15.04
C MET A 936 9.88 17.50 15.41
N LYS A 937 9.75 18.77 15.78
CA LYS A 937 8.48 19.30 16.24
C LYS A 937 7.46 19.45 15.12
N ILE A 938 7.89 19.32 13.87
CA ILE A 938 7.00 19.59 12.75
C ILE A 938 5.93 18.53 12.62
N SER A 939 6.23 17.30 13.02
CA SER A 939 5.31 16.17 12.84
C SER A 939 4.98 15.52 14.18
N GLY A 940 3.87 15.93 14.79
CA GLY A 940 3.24 15.19 15.88
C GLY A 940 2.13 14.29 15.41
N ASN A 941 2.48 13.29 14.58
CA ASN A 941 1.56 12.61 13.68
C ASN A 941 0.86 13.59 12.76
N ALA A 942 1.60 14.58 12.27
CA ALA A 942 0.96 15.60 11.47
C ALA A 942 0.58 15.07 10.10
N MET A 943 1.44 14.27 9.50
CA MET A 943 1.28 13.91 8.10
C MET A 943 0.06 13.04 7.86
N LEU A 944 -0.64 12.65 8.93
CA LEU A 944 -1.79 11.76 8.81
C LEU A 944 -2.98 12.24 9.63
N GLN A 945 -3.02 13.51 9.99
CA GLN A 945 -4.14 14.04 10.73
C GLN A 945 -5.31 14.23 9.77
N LEU A 946 -6.38 14.88 10.23
CA LEU A 946 -7.49 15.20 9.35
C LEU A 946 -7.16 16.29 8.35
N GLY A 947 -6.18 17.14 8.67
CA GLY A 947 -5.77 18.16 7.76
C GLY A 947 -5.29 17.57 6.45
N PRO A 948 -4.17 16.86 6.48
CA PRO A 948 -3.62 16.29 5.25
C PRO A 948 -4.44 15.15 4.68
N PHE A 949 -5.29 14.50 5.46
CA PHE A 949 -6.06 13.39 4.91
C PHE A 949 -7.03 13.89 3.85
N LEU A 950 -7.83 14.89 4.16
CA LEU A 950 -8.74 15.40 3.15
C LEU A 950 -8.12 16.50 2.32
N TYR A 951 -6.81 16.51 2.20
CA TYR A 951 -6.16 17.17 1.08
C TYR A 951 -5.84 16.17 -0.02
N TRP A 952 -5.52 14.94 0.36
CA TRP A 952 -5.31 13.89 -0.61
C TRP A 952 -6.63 13.30 -1.08
N THR A 953 -7.66 13.32 -0.26
CA THR A 953 -8.96 12.83 -0.71
C THR A 953 -9.60 13.81 -1.67
N PHE A 954 -9.51 15.09 -1.38
CA PHE A 954 -10.09 16.10 -2.24
C PHE A 954 -9.15 16.51 -3.36
N LEU A 955 -7.95 15.95 -3.42
CA LEU A 955 -7.11 16.05 -4.59
C LEU A 955 -7.30 14.86 -5.50
N ALA A 956 -7.66 13.71 -4.95
CA ALA A 956 -7.98 12.52 -5.72
C ALA A 956 -9.41 12.54 -6.22
N ALA A 957 -10.29 13.30 -5.57
CA ALA A 957 -11.62 13.52 -6.13
C ALA A 957 -11.58 14.53 -7.26
N PHE A 958 -10.63 15.46 -7.21
CA PHE A 958 -10.46 16.42 -8.29
C PHE A 958 -9.77 15.77 -9.48
N GLU A 959 -8.74 14.97 -9.22
CA GLU A 959 -8.05 14.30 -10.31
C GLU A 959 -8.87 13.18 -10.91
N GLY A 960 -9.85 12.64 -10.17
CA GLY A 960 -10.69 11.63 -10.75
C GLY A 960 -11.78 12.22 -11.64
N THR A 961 -12.30 13.38 -11.26
CA THR A 961 -13.29 14.06 -12.08
C THR A 961 -12.66 14.65 -13.33
N VAL A 962 -11.38 14.96 -13.28
CA VAL A 962 -10.70 15.54 -14.43
C VAL A 962 -10.36 14.47 -15.46
N PHE A 963 -9.94 13.29 -15.01
CA PHE A 963 -9.64 12.21 -15.94
C PHE A 963 -10.87 11.83 -16.73
N PHE A 964 -12.03 11.73 -16.07
CA PHE A 964 -13.23 11.30 -16.76
C PHE A 964 -13.80 12.42 -17.61
N PHE A 965 -14.04 13.57 -17.01
CA PHE A 965 -14.67 14.66 -17.74
C PHE A 965 -13.71 15.46 -18.58
N GLY A 966 -12.55 14.91 -18.89
CA GLY A 966 -11.72 15.47 -19.93
C GLY A 966 -11.70 14.50 -21.07
N THR A 967 -11.91 13.22 -20.77
CA THR A 967 -12.14 12.22 -21.79
C THR A 967 -13.61 12.16 -22.17
N TYR A 968 -14.48 12.72 -21.36
CA TYR A 968 -15.89 12.78 -21.74
C TYR A 968 -16.14 13.89 -22.74
N PHE A 969 -15.53 15.06 -22.52
CA PHE A 969 -15.67 16.15 -23.48
C PHE A 969 -14.83 15.92 -24.72
N LEU A 970 -13.84 15.05 -24.63
CA LEU A 970 -12.99 14.77 -25.78
C LEU A 970 -13.68 13.86 -26.78
N PHE A 971 -14.65 13.08 -26.34
CA PHE A 971 -15.30 12.08 -27.17
C PHE A 971 -16.59 12.58 -27.80
N GLN A 972 -16.77 13.90 -27.88
CA GLN A 972 -17.88 14.51 -28.60
C GLN A 972 -17.48 14.96 -29.99
N THR A 973 -16.48 14.32 -30.59
CA THR A 973 -15.79 14.89 -31.73
C THR A 973 -16.19 14.26 -33.05
N ALA A 974 -16.69 13.04 -33.03
CA ALA A 974 -17.02 12.18 -34.18
C ALA A 974 -15.79 11.56 -34.80
N SER A 975 -14.57 11.98 -34.42
CA SER A 975 -13.34 11.28 -34.75
C SER A 975 -12.19 12.00 -34.09
N LEU A 976 -11.17 11.28 -33.65
CA LEU A 976 -10.00 11.91 -33.09
C LEU A 976 -8.77 11.69 -33.96
N GLU A 977 -8.94 11.06 -35.12
CA GLU A 977 -7.84 10.81 -36.05
C GLU A 977 -8.04 11.65 -37.30
N GLU A 978 -7.09 11.53 -38.22
CA GLU A 978 -7.20 12.21 -39.49
C GLU A 978 -7.91 11.38 -40.56
N ASN A 979 -8.00 10.07 -40.39
CA ASN A 979 -8.75 9.26 -41.35
C ASN A 979 -10.19 9.07 -40.92
N GLY A 980 -10.61 9.71 -39.84
CA GLY A 980 -12.02 9.77 -39.49
C GLY A 980 -12.62 8.49 -38.99
N LYS A 981 -11.92 7.78 -38.11
CA LYS A 981 -12.41 6.53 -37.55
C LYS A 981 -12.70 6.71 -36.07
N VAL A 982 -13.72 6.02 -35.58
CA VAL A 982 -14.28 6.29 -34.28
C VAL A 982 -13.72 5.30 -33.27
N TYR A 983 -13.88 5.63 -31.99
CA TYR A 983 -13.36 4.85 -30.89
C TYR A 983 -14.49 4.25 -30.08
N GLY A 984 -14.17 3.24 -29.28
CA GLY A 984 -15.13 2.52 -28.48
C GLY A 984 -15.03 2.87 -27.02
N ASN A 985 -15.49 1.95 -26.17
CA ASN A 985 -15.40 2.14 -24.73
C ASN A 985 -14.11 1.59 -24.16
N TRP A 986 -13.34 0.86 -24.95
CA TRP A 986 -12.03 0.41 -24.52
C TRP A 986 -10.95 1.40 -24.87
N THR A 987 -11.15 2.17 -25.93
CA THR A 987 -10.31 3.33 -26.18
C THR A 987 -10.79 4.54 -25.42
N PHE A 988 -11.84 4.43 -24.64
CA PHE A 988 -12.25 5.46 -23.71
C PHE A 988 -11.65 5.21 -22.34
N GLY A 989 -11.73 3.99 -21.84
CA GLY A 989 -11.12 3.67 -20.57
C GLY A 989 -9.63 3.60 -20.60
N THR A 990 -9.04 3.43 -21.79
CA THR A 990 -7.59 3.45 -21.91
C THR A 990 -7.04 4.87 -21.84
N ILE A 991 -7.75 5.83 -22.41
CA ILE A 991 -7.33 7.20 -22.27
C ILE A 991 -7.44 7.63 -20.82
N VAL A 992 -8.45 7.14 -20.10
CA VAL A 992 -8.57 7.50 -18.69
C VAL A 992 -7.52 6.79 -17.88
N PHE A 993 -7.12 5.58 -18.27
CA PHE A 993 -6.09 4.85 -17.55
C PHE A 993 -4.70 5.40 -17.86
N THR A 994 -4.45 5.79 -19.11
CA THR A 994 -3.18 6.38 -19.45
C THR A 994 -2.96 7.68 -18.70
N VAL A 995 -3.99 8.50 -18.59
CA VAL A 995 -3.87 9.74 -17.83
C VAL A 995 -3.78 9.43 -16.35
N LEU A 996 -4.38 8.34 -15.91
CA LEU A 996 -4.40 8.03 -14.49
C LEU A 996 -3.08 7.47 -14.02
N VAL A 997 -2.43 6.64 -14.84
CA VAL A 997 -1.14 6.09 -14.46
C VAL A 997 -0.07 7.16 -14.51
N PHE A 998 -0.12 8.03 -15.51
CA PHE A 998 0.90 9.07 -15.63
C PHE A 998 0.73 10.17 -14.60
N THR A 999 -0.49 10.38 -14.10
CA THR A 999 -0.67 11.41 -13.08
C THR A 999 -0.14 10.94 -11.74
N VAL A 1000 -0.63 9.79 -11.26
CA VAL A 1000 -0.21 9.30 -9.96
C VAL A 1000 1.27 8.95 -9.93
N THR A 1001 1.87 8.69 -11.09
CA THR A 1001 3.32 8.48 -11.11
C THR A 1001 4.06 9.80 -11.10
N LEU A 1002 3.66 10.75 -11.95
CA LEU A 1002 4.25 12.08 -11.95
C LEU A 1002 3.77 12.92 -10.78
N LYS A 1003 2.89 12.41 -9.94
CA LYS A 1003 2.63 13.08 -8.68
C LYS A 1003 3.66 12.70 -7.63
N LEU A 1004 4.17 11.47 -7.69
CA LEU A 1004 5.27 11.08 -6.80
C LEU A 1004 6.56 11.71 -7.25
N ALA A 1005 6.79 11.80 -8.56
CA ALA A 1005 7.98 12.47 -9.06
C ALA A 1005 8.01 13.94 -8.73
N LEU A 1006 6.89 14.52 -8.28
CA LEU A 1006 6.87 15.89 -7.79
C LEU A 1006 7.09 15.96 -6.29
N ASP A 1007 7.00 14.83 -5.59
CA ASP A 1007 7.16 14.82 -4.14
C ASP A 1007 8.53 14.35 -3.69
N THR A 1008 9.28 13.64 -4.53
CA THR A 1008 10.61 13.22 -4.13
C THR A 1008 11.54 14.41 -4.17
N ARG A 1009 12.11 14.74 -3.00
CA ARG A 1009 13.17 15.72 -2.90
C ARG A 1009 14.54 15.07 -2.77
N PHE A 1010 14.66 13.80 -3.12
CA PHE A 1010 15.91 13.05 -3.05
C PHE A 1010 15.88 12.01 -4.17
N TRP A 1011 16.43 12.36 -5.32
CA TRP A 1011 16.38 11.52 -6.52
C TRP A 1011 17.65 10.68 -6.59
N THR A 1012 17.57 9.44 -6.16
CA THR A 1012 18.70 8.53 -6.28
C THR A 1012 18.74 7.95 -7.69
N TRP A 1013 19.71 7.09 -7.97
CA TRP A 1013 19.66 6.41 -9.26
C TRP A 1013 18.56 5.38 -9.32
N ILE A 1014 17.98 5.03 -8.17
CA ILE A 1014 16.88 4.07 -8.14
C ILE A 1014 15.54 4.78 -8.34
N ASN A 1015 15.34 5.94 -7.73
CA ASN A 1015 14.12 6.70 -7.97
C ASN A 1015 13.99 7.11 -9.43
N HIS A 1016 15.07 7.05 -10.20
CA HIS A 1016 14.97 7.22 -11.65
C HIS A 1016 14.62 5.91 -12.34
N PHE A 1017 14.99 4.80 -11.74
CA PHE A 1017 14.86 3.50 -12.39
C PHE A 1017 13.45 2.95 -12.22
N VAL A 1018 12.84 3.17 -11.07
CA VAL A 1018 11.51 2.64 -10.81
C VAL A 1018 10.41 3.60 -11.23
N ILE A 1019 10.67 4.90 -11.24
CA ILE A 1019 9.65 5.85 -11.68
C ILE A 1019 9.60 5.91 -13.20
N TRP A 1020 10.70 6.28 -13.83
CA TRP A 1020 10.71 6.26 -15.29
C TRP A 1020 10.72 4.86 -15.86
N GLY A 1021 10.75 3.84 -15.02
CA GLY A 1021 10.70 2.48 -15.50
C GLY A 1021 9.32 1.88 -15.34
N SER A 1022 8.52 2.47 -14.45
CA SER A 1022 7.12 2.07 -14.33
C SER A 1022 6.27 2.73 -15.39
N LEU A 1023 6.67 3.90 -15.88
CA LEU A 1023 5.96 4.53 -16.99
C LEU A 1023 6.29 3.87 -18.31
N ALA A 1024 7.49 3.33 -18.46
CA ALA A 1024 7.87 2.66 -19.70
C ALA A 1024 7.45 1.21 -19.71
N PHE A 1025 7.06 0.66 -18.57
CA PHE A 1025 6.51 -0.69 -18.58
C PHE A 1025 5.03 -0.67 -18.93
N TYR A 1026 4.27 0.28 -18.37
CA TYR A 1026 2.88 0.43 -18.77
C TYR A 1026 2.76 0.67 -20.26
N VAL A 1027 3.74 1.32 -20.87
CA VAL A 1027 3.71 1.52 -22.30
C VAL A 1027 4.18 0.28 -23.05
N PHE A 1028 5.17 -0.46 -22.52
CA PHE A 1028 5.57 -1.69 -23.17
C PHE A 1028 4.52 -2.78 -22.99
N PHE A 1029 3.92 -2.84 -21.80
CA PHE A 1029 2.89 -3.84 -21.58
C PHE A 1029 1.68 -3.61 -22.47
N SER A 1030 1.22 -2.37 -22.55
CA SER A 1030 0.01 -2.08 -23.29
C SER A 1030 0.20 -2.30 -24.78
N PHE A 1031 1.42 -2.19 -25.28
CA PHE A 1031 1.70 -2.51 -26.66
C PHE A 1031 1.92 -4.00 -26.87
N PHE A 1032 2.21 -4.73 -25.80
CA PHE A 1032 2.39 -6.17 -25.87
C PHE A 1032 1.09 -6.90 -25.61
N TRP A 1033 0.34 -6.48 -24.59
CA TRP A 1033 -0.98 -7.05 -24.35
C TRP A 1033 -1.92 -6.83 -25.51
N GLY A 1034 -1.57 -5.96 -26.45
CA GLY A 1034 -2.30 -5.76 -27.68
C GLY A 1034 -1.69 -6.43 -28.89
N GLY A 1035 -1.04 -7.57 -28.72
CA GLY A 1035 -0.55 -8.35 -29.84
C GLY A 1035 -1.06 -9.77 -29.82
N ILE A 1036 -0.13 -10.73 -29.73
CA ILE A 1036 -0.50 -12.16 -29.71
C ILE A 1036 -0.67 -12.53 -28.24
N ILE A 1037 -1.84 -12.22 -27.69
CA ILE A 1037 -2.26 -12.67 -26.38
C ILE A 1037 -3.65 -13.30 -26.49
N TRP A 1038 -3.93 -13.84 -27.65
CA TRP A 1038 -5.23 -14.35 -28.06
C TRP A 1038 -5.62 -15.68 -27.45
N PRO A 1039 -4.83 -16.75 -27.66
CA PRO A 1039 -5.40 -18.10 -27.63
C PRO A 1039 -6.16 -18.46 -26.36
N PHE A 1040 -5.76 -17.93 -25.22
CA PHE A 1040 -6.35 -18.32 -23.95
C PHE A 1040 -7.41 -17.35 -23.47
N LEU A 1041 -7.91 -16.46 -24.32
CA LEU A 1041 -8.86 -15.44 -23.92
C LEU A 1041 -10.14 -15.59 -24.71
N LYS A 1042 -11.25 -15.14 -24.12
CA LYS A 1042 -12.52 -15.05 -24.81
C LYS A 1042 -12.93 -13.60 -25.04
N GLN A 1043 -11.97 -12.67 -25.00
CA GLN A 1043 -12.29 -11.26 -25.08
C GLN A 1043 -11.75 -10.58 -26.34
N GLN A 1044 -10.43 -10.62 -26.57
CA GLN A 1044 -9.79 -9.76 -27.56
C GLN A 1044 -10.38 -8.36 -27.52
N ARG A 1045 -10.72 -7.88 -26.34
CA ARG A 1045 -11.41 -6.60 -26.24
C ARG A 1045 -10.47 -5.42 -26.26
N MET A 1046 -9.17 -5.65 -26.15
CA MET A 1046 -8.18 -4.58 -26.18
C MET A 1046 -7.09 -4.90 -27.17
N TYR A 1047 -7.48 -5.30 -28.38
CA TYR A 1047 -6.49 -5.83 -29.31
C TYR A 1047 -5.52 -4.74 -29.77
N PHE A 1048 -6.01 -3.72 -30.47
CA PHE A 1048 -5.13 -2.63 -30.89
C PHE A 1048 -5.55 -1.31 -30.27
N VAL A 1049 -6.02 -1.37 -29.03
CA VAL A 1049 -6.65 -0.20 -28.44
C VAL A 1049 -5.60 0.82 -28.00
N PHE A 1050 -4.46 0.36 -27.50
CA PHE A 1050 -3.39 1.30 -27.19
C PHE A 1050 -2.73 1.80 -28.47
N ALA A 1051 -2.37 0.89 -29.38
CA ALA A 1051 -1.63 1.29 -30.56
C ALA A 1051 -2.43 2.16 -31.51
N GLN A 1052 -3.76 2.20 -31.39
CA GLN A 1052 -4.55 3.13 -32.18
C GLN A 1052 -4.80 4.43 -31.45
N MET A 1053 -4.93 4.35 -30.13
CA MET A 1053 -5.12 5.54 -29.31
C MET A 1053 -3.98 6.53 -29.47
N LEU A 1054 -2.80 6.05 -29.85
CA LEU A 1054 -1.61 6.87 -29.97
C LEU A 1054 -1.34 7.33 -31.39
N SER A 1055 -2.08 6.83 -32.37
CA SER A 1055 -1.93 7.26 -33.75
C SER A 1055 -2.76 8.50 -34.05
N SER A 1056 -3.16 9.24 -33.03
CA SER A 1056 -4.00 10.41 -33.21
C SER A 1056 -3.39 11.57 -32.45
N VAL A 1057 -3.01 12.62 -33.19
CA VAL A 1057 -2.34 13.77 -32.58
C VAL A 1057 -3.23 14.44 -31.54
N SER A 1058 -4.54 14.30 -31.66
CA SER A 1058 -5.43 14.96 -30.71
C SER A 1058 -5.50 14.23 -29.38
N THR A 1059 -5.12 12.96 -29.34
CA THR A 1059 -5.16 12.22 -28.08
C THR A 1059 -3.87 12.40 -27.29
N TRP A 1060 -2.74 12.62 -27.95
CA TRP A 1060 -1.54 12.99 -27.22
C TRP A 1060 -1.72 14.35 -26.57
N LEU A 1061 -2.40 15.27 -27.24
CA LEU A 1061 -2.55 16.61 -26.69
C LEU A 1061 -3.52 16.63 -25.53
N ALA A 1062 -4.57 15.80 -25.57
CA ALA A 1062 -5.47 15.69 -24.44
C ALA A 1062 -4.76 15.10 -23.23
N ILE A 1063 -4.07 13.97 -23.44
CA ILE A 1063 -3.38 13.31 -22.34
C ILE A 1063 -2.34 14.24 -21.73
N ILE A 1064 -1.60 14.96 -22.55
CA ILE A 1064 -0.61 15.91 -22.03
C ILE A 1064 -1.28 17.03 -21.26
N LEU A 1065 -2.49 17.42 -21.67
CA LEU A 1065 -3.19 18.49 -20.97
C LEU A 1065 -3.81 17.99 -19.67
N LEU A 1066 -4.63 16.94 -19.76
CA LEU A 1066 -5.30 16.41 -18.58
C LEU A 1066 -4.32 15.97 -17.51
N ILE A 1067 -3.08 15.64 -17.88
CA ILE A 1067 -2.07 15.38 -16.88
C ILE A 1067 -1.68 16.67 -16.18
N PHE A 1068 -1.66 17.78 -16.92
CA PHE A 1068 -1.24 19.05 -16.31
C PHE A 1068 -2.38 19.70 -15.54
N ILE A 1069 -3.61 19.66 -16.06
CA ILE A 1069 -4.74 20.16 -15.29
C ILE A 1069 -4.83 19.44 -13.96
N SER A 1070 -4.53 18.15 -13.94
CA SER A 1070 -4.64 17.34 -12.73
C SER A 1070 -3.51 17.62 -11.75
N LEU A 1071 -2.31 17.87 -12.27
CA LEU A 1071 -1.16 18.20 -11.43
C LEU A 1071 -1.01 19.68 -11.22
N PHE A 1072 -2.06 20.45 -11.41
CA PHE A 1072 -1.97 21.87 -11.15
C PHE A 1072 -2.13 22.20 -9.67
N PRO A 1073 -3.13 21.67 -8.96
CA PRO A 1073 -3.25 22.02 -7.53
C PRO A 1073 -2.07 21.55 -6.71
N GLU A 1074 -1.23 20.69 -7.25
CA GLU A 1074 -0.01 20.26 -6.56
C GLU A 1074 1.17 21.16 -6.89
N ILE A 1075 1.27 21.63 -8.14
CA ILE A 1075 2.26 22.63 -8.48
C ILE A 1075 1.93 23.95 -7.81
N LEU A 1076 0.64 24.25 -7.66
CA LEU A 1076 0.25 25.49 -7.01
C LEU A 1076 0.66 25.53 -5.55
N LEU A 1077 0.75 24.38 -4.90
CA LEU A 1077 1.21 24.35 -3.51
C LEU A 1077 2.71 24.55 -3.45
N ILE A 1078 3.45 23.80 -4.28
CA ILE A 1078 4.90 23.91 -4.31
C ILE A 1078 5.34 25.37 -4.39
N VAL A 1079 4.67 26.14 -5.25
CA VAL A 1079 5.00 27.56 -5.38
C VAL A 1079 4.62 28.31 -4.11
N LEU A 1080 3.40 28.12 -3.64
CA LEU A 1080 2.96 28.80 -2.42
C LEU A 1080 3.62 28.24 -1.17
N LYS A 1081 4.39 27.16 -1.28
CA LYS A 1081 5.18 26.66 -0.17
C LYS A 1081 6.63 27.11 -0.23
N ASN A 1082 7.17 27.35 -1.42
CA ASN A 1082 8.45 28.05 -1.53
C ASN A 1082 8.31 29.47 -1.02
N VAL A 1083 7.26 30.17 -1.45
CA VAL A 1083 7.17 31.62 -1.33
C VAL A 1083 6.63 31.98 0.05
N ARG A 1084 7.31 32.93 0.70
CA ARG A 1084 6.94 33.46 2.01
C ARG A 1084 6.95 32.41 3.12
N ARG B 27 33.06 -0.06 11.61
CA ARG B 27 33.13 -1.42 11.07
C ARG B 27 32.00 -1.79 10.11
N PRO B 28 30.74 -1.47 10.42
CA PRO B 28 29.66 -1.78 9.48
C PRO B 28 30.02 -1.33 8.07
N ASP B 29 29.54 -2.08 7.08
CA ASP B 29 30.02 -1.89 5.72
C ASP B 29 29.79 -0.45 5.31
N ASN B 30 30.88 0.29 5.15
CA ASN B 30 30.82 1.73 4.94
C ASN B 30 30.62 2.05 3.45
N THR B 31 29.58 1.46 2.89
CA THR B 31 29.21 1.69 1.50
C THR B 31 28.26 2.89 1.42
N ALA B 32 28.03 3.34 0.19
CA ALA B 32 27.16 4.49 0.01
C ALA B 32 25.71 4.15 0.32
N PHE B 33 25.26 2.98 -0.13
CA PHE B 33 23.85 2.64 -0.01
C PHE B 33 23.47 2.36 1.43
N LYS B 34 24.26 1.55 2.13
CA LYS B 34 23.91 1.16 3.49
C LYS B 34 23.94 2.31 4.47
N GLN B 35 24.69 3.36 4.17
CA GLN B 35 24.82 4.50 5.07
C GLN B 35 23.88 5.64 4.71
N GLN B 36 22.98 5.43 3.76
CA GLN B 36 21.97 6.41 3.41
C GLN B 36 22.59 7.71 2.91
N ARG B 37 23.71 7.60 2.22
CA ARG B 37 24.38 8.74 1.61
C ARG B 37 24.65 8.44 0.15
N LEU B 38 23.64 7.95 -0.54
CA LEU B 38 23.74 7.73 -1.96
C LEU B 38 23.83 9.07 -2.68
N PRO B 39 24.44 9.12 -3.86
CA PRO B 39 24.45 10.35 -4.65
C PRO B 39 23.07 10.61 -5.23
N ALA B 40 22.51 11.78 -4.92
CA ALA B 40 21.17 12.14 -5.33
C ALA B 40 21.20 13.53 -5.96
N TRP B 41 20.01 14.01 -6.31
CA TRP B 41 19.87 15.28 -7.03
C TRP B 41 19.25 16.37 -6.16
N GLN B 42 18.19 16.08 -5.43
CA GLN B 42 17.61 17.03 -4.49
C GLN B 42 17.29 18.37 -5.14
N PRO B 43 16.24 18.47 -5.94
CA PRO B 43 15.90 19.74 -6.59
C PRO B 43 15.59 20.83 -5.59
N ILE B 44 16.44 21.86 -5.58
CA ILE B 44 16.21 23.05 -4.77
C ILE B 44 15.31 23.98 -5.57
N LEU B 45 14.10 24.21 -5.08
CA LEU B 45 13.08 24.95 -5.80
C LEU B 45 13.16 26.42 -5.37
N THR B 46 13.63 27.28 -6.25
CA THR B 46 13.70 28.71 -6.00
C THR B 46 12.82 29.48 -6.97
N ALA B 47 12.41 30.68 -6.56
CA ALA B 47 11.60 31.54 -7.41
C ALA B 47 12.24 31.74 -8.77
N GLY B 48 13.57 31.80 -8.81
CA GLY B 48 14.27 31.90 -10.07
C GLY B 48 14.17 30.62 -10.89
N THR B 49 13.48 29.62 -10.34
CA THR B 49 13.31 28.33 -11.00
C THR B 49 11.90 27.78 -10.94
N VAL B 50 11.00 28.39 -10.16
CA VAL B 50 9.63 27.88 -10.06
C VAL B 50 8.60 28.83 -10.64
N LEU B 51 8.88 30.12 -10.71
CA LEU B 51 7.96 31.09 -11.31
C LEU B 51 8.01 31.04 -12.83
N PRO B 52 9.19 30.99 -13.46
CA PRO B 52 9.21 30.89 -14.93
C PRO B 52 8.37 29.75 -15.46
N ILE B 53 8.10 28.75 -14.62
CA ILE B 53 7.24 27.65 -15.04
C ILE B 53 5.88 28.17 -15.46
N PHE B 54 5.33 29.10 -14.70
CA PHE B 54 4.03 29.64 -15.04
C PHE B 54 4.07 30.53 -16.28
N PHE B 55 5.21 30.65 -16.92
CA PHE B 55 5.33 31.41 -18.15
C PHE B 55 5.85 30.59 -19.33
N ILE B 56 6.61 29.53 -19.07
CA ILE B 56 7.03 28.66 -20.16
C ILE B 56 5.91 27.71 -20.56
N ILE B 57 4.77 27.76 -19.88
CA ILE B 57 3.59 27.07 -20.37
C ILE B 57 2.60 28.03 -20.98
N GLY B 58 2.31 29.15 -20.29
CA GLY B 58 1.39 30.13 -20.84
C GLY B 58 1.79 30.64 -22.20
N LEU B 59 3.06 30.55 -22.54
CA LEU B 59 3.53 30.86 -23.89
C LEU B 59 3.54 29.64 -24.80
N ILE B 60 3.22 28.47 -24.27
CA ILE B 60 3.20 27.24 -25.05
C ILE B 60 1.79 26.67 -25.16
N PHE B 61 0.99 26.79 -24.10
CA PHE B 61 -0.36 26.27 -24.15
C PHE B 61 -1.29 27.19 -24.93
N ILE B 62 -1.05 28.49 -24.91
CA ILE B 62 -1.92 29.42 -25.61
C ILE B 62 -1.67 29.37 -27.12
N PRO B 63 -0.42 29.41 -27.61
CA PRO B 63 -0.22 29.21 -29.05
C PRO B 63 -0.68 27.86 -29.55
N ILE B 64 -0.83 26.86 -28.68
CA ILE B 64 -1.43 25.60 -29.14
C ILE B 64 -2.94 25.69 -29.05
N GLY B 65 -3.47 26.32 -28.01
CA GLY B 65 -4.90 26.50 -27.90
C GLY B 65 -5.49 27.44 -28.92
N ILE B 66 -4.68 28.17 -29.66
CA ILE B 66 -5.16 29.04 -30.72
C ILE B 66 -5.03 28.38 -32.08
N GLY B 67 -3.99 27.58 -32.29
CA GLY B 67 -3.88 26.81 -33.51
C GLY B 67 -4.82 25.64 -33.58
N ILE B 68 -5.36 25.21 -32.44
CA ILE B 68 -6.38 24.18 -32.42
C ILE B 68 -7.76 24.80 -32.59
N PHE B 69 -8.06 25.83 -31.79
CA PHE B 69 -9.33 26.52 -31.91
C PHE B 69 -9.55 27.06 -33.31
N VAL B 70 -8.48 27.44 -34.00
CA VAL B 70 -8.62 27.89 -35.38
C VAL B 70 -8.77 26.70 -36.31
N THR B 71 -8.15 25.57 -35.99
CA THR B 71 -8.32 24.39 -36.83
C THR B 71 -9.69 23.77 -36.66
N SER B 72 -10.24 23.80 -35.44
CA SER B 72 -11.56 23.27 -35.20
C SER B 72 -12.67 24.23 -35.59
N ASN B 73 -12.32 25.41 -36.10
CA ASN B 73 -13.33 26.32 -36.60
C ASN B 73 -13.45 26.22 -38.10
N ASN B 74 -12.35 26.01 -38.80
CA ASN B 74 -12.37 25.90 -40.24
C ASN B 74 -12.85 24.55 -40.72
N ILE B 75 -13.46 23.76 -39.83
CA ILE B 75 -13.92 22.42 -40.16
C ILE B 75 -15.40 22.53 -40.47
N ARG B 76 -15.77 22.35 -41.73
CA ARG B 76 -17.15 22.51 -42.15
C ARG B 76 -17.89 21.22 -41.89
N GLU B 77 -18.96 21.29 -41.11
CA GLU B 77 -19.77 20.12 -40.82
C GLU B 77 -21.23 20.51 -40.83
N ILE B 78 -22.09 19.52 -41.00
CA ILE B 78 -23.53 19.74 -41.00
C ILE B 78 -24.20 18.44 -40.60
N GLU B 79 -25.17 18.52 -39.70
CA GLU B 79 -25.90 17.35 -39.25
C GLU B 79 -27.38 17.51 -39.59
N ILE B 80 -28.08 16.39 -39.71
CA ILE B 80 -29.51 16.39 -40.02
C ILE B 80 -30.17 15.33 -39.17
N ASP B 81 -31.12 15.73 -38.33
CA ASP B 81 -31.83 14.78 -37.47
C ASP B 81 -33.06 14.30 -38.24
N TYR B 82 -33.06 13.02 -38.61
CA TYR B 82 -34.11 12.48 -39.47
C TYR B 82 -34.94 11.43 -38.78
N THR B 83 -35.08 11.52 -37.45
CA THR B 83 -35.79 10.49 -36.73
C THR B 83 -37.30 10.58 -36.85
N GLY B 84 -37.84 11.68 -37.35
CA GLY B 84 -39.27 11.92 -37.32
C GLY B 84 -39.68 12.69 -36.07
N THR B 85 -40.69 12.20 -35.38
CA THR B 85 -41.12 12.69 -34.08
C THR B 85 -41.65 14.13 -34.13
N GLU B 86 -41.60 14.75 -35.31
CA GLU B 86 -42.21 16.05 -35.54
C GLU B 86 -43.26 15.90 -36.61
N PRO B 87 -44.53 16.18 -36.34
CA PRO B 87 -45.58 15.93 -37.35
C PRO B 87 -45.32 16.64 -38.67
N SER B 88 -44.42 17.62 -38.70
CA SER B 88 -44.07 18.33 -39.92
C SER B 88 -42.83 17.77 -40.60
N SER B 89 -42.15 16.81 -39.99
CA SER B 89 -40.95 16.25 -40.57
C SER B 89 -41.30 15.25 -41.66
N PRO B 90 -40.55 15.23 -42.77
CA PRO B 90 -40.85 14.27 -43.83
C PRO B 90 -40.65 12.83 -43.40
N CYS B 91 -39.90 12.59 -42.33
CA CYS B 91 -39.68 11.25 -41.82
C CYS B 91 -40.61 10.91 -40.67
N ASN B 92 -41.81 11.48 -40.65
CA ASN B 92 -42.80 11.11 -39.65
C ASN B 92 -43.75 10.03 -40.15
N LYS B 93 -43.78 9.77 -41.47
CA LYS B 93 -44.69 8.75 -41.96
C LYS B 93 -44.26 7.35 -41.55
N CYS B 94 -42.96 7.12 -41.44
CA CYS B 94 -42.46 5.82 -40.99
C CYS B 94 -41.96 5.84 -39.56
N LEU B 95 -42.10 6.97 -38.86
CA LEU B 95 -41.97 6.97 -37.41
C LEU B 95 -42.85 5.90 -36.80
N SER B 96 -44.01 5.67 -37.40
CA SER B 96 -45.01 4.71 -36.97
C SER B 96 -44.69 3.31 -37.49
N PRO B 97 -45.06 2.28 -36.76
CA PRO B 97 -44.92 0.92 -37.30
C PRO B 97 -45.90 0.71 -38.43
N ASP B 98 -45.38 0.74 -39.65
CA ASP B 98 -46.15 0.79 -40.88
C ASP B 98 -45.59 -0.24 -41.86
N VAL B 99 -46.00 -0.13 -43.12
CA VAL B 99 -45.31 -0.86 -44.19
C VAL B 99 -43.83 -0.58 -44.09
N THR B 100 -43.03 -1.64 -44.12
CA THR B 100 -41.65 -1.53 -43.65
C THR B 100 -40.72 -0.75 -44.58
N PRO B 101 -40.73 -0.93 -45.90
CA PRO B 101 -39.74 -0.13 -46.66
C PRO B 101 -40.16 1.33 -46.84
N CYS B 102 -40.02 2.10 -45.77
CA CYS B 102 -40.29 3.52 -45.88
C CYS B 102 -39.11 4.25 -46.52
N PHE B 103 -39.43 5.27 -47.31
CA PHE B 103 -38.44 6.15 -47.90
C PHE B 103 -38.82 7.57 -47.56
N CYS B 104 -38.07 8.22 -46.69
CA CYS B 104 -38.28 9.62 -46.37
C CYS B 104 -37.08 10.42 -46.86
N THR B 105 -37.35 11.57 -47.46
CA THR B 105 -36.32 12.43 -48.02
C THR B 105 -36.29 13.75 -47.26
N ILE B 106 -35.11 14.14 -46.79
CA ILE B 106 -34.92 15.41 -46.11
C ILE B 106 -33.92 16.22 -46.91
N ASN B 107 -34.32 17.39 -47.38
CA ASN B 107 -33.43 18.24 -48.17
C ASN B 107 -32.82 19.30 -47.27
N PHE B 108 -31.51 19.23 -47.11
CA PHE B 108 -30.71 20.21 -46.40
C PHE B 108 -30.03 21.11 -47.41
N THR B 109 -29.12 21.96 -46.93
CA THR B 109 -28.42 22.88 -47.81
C THR B 109 -27.09 23.29 -47.20
N LEU B 110 -26.04 23.27 -48.01
CA LEU B 110 -24.70 23.66 -47.59
C LEU B 110 -24.49 25.11 -47.99
N GLU B 111 -24.24 25.98 -47.01
CA GLU B 111 -23.92 27.36 -47.34
C GLU B 111 -22.53 27.48 -47.92
N LYS B 112 -21.54 26.81 -47.31
CA LYS B 112 -20.18 26.82 -47.80
C LYS B 112 -19.80 25.42 -48.27
N SER B 113 -19.09 25.36 -49.40
CA SER B 113 -18.71 24.08 -49.98
C SER B 113 -17.75 23.34 -49.06
N PHE B 114 -17.74 22.02 -49.20
CA PHE B 114 -16.84 21.15 -48.45
C PHE B 114 -15.61 20.88 -49.30
N GLU B 115 -14.43 21.10 -48.74
CA GLU B 115 -13.20 21.24 -49.53
C GLU B 115 -12.43 19.93 -49.69
N GLY B 116 -12.00 19.33 -48.59
CA GLY B 116 -11.13 18.18 -48.66
C GLY B 116 -11.90 16.93 -49.01
N ASN B 117 -11.60 15.81 -48.35
CA ASN B 117 -12.43 14.62 -48.43
C ASN B 117 -13.37 14.61 -47.24
N VAL B 118 -14.59 14.17 -47.48
CA VAL B 118 -15.69 14.34 -46.53
C VAL B 118 -16.09 12.97 -45.99
N PHE B 119 -16.54 12.95 -44.74
CA PHE B 119 -16.86 11.73 -44.02
C PHE B 119 -18.31 11.78 -43.58
N MET B 120 -19.10 10.81 -44.02
CA MET B 120 -20.50 10.73 -43.65
C MET B 120 -20.66 9.76 -42.50
N TYR B 121 -21.25 10.23 -41.40
CA TYR B 121 -21.47 9.45 -40.20
C TYR B 121 -22.94 9.12 -40.07
N TYR B 122 -23.29 8.54 -38.92
CA TYR B 122 -24.68 8.44 -38.49
C TYR B 122 -24.66 8.39 -36.98
N GLY B 123 -25.47 9.22 -36.33
CA GLY B 123 -25.48 9.28 -34.89
C GLY B 123 -26.68 8.56 -34.33
N LEU B 124 -26.63 8.29 -33.03
CA LEU B 124 -27.74 7.71 -32.32
C LEU B 124 -27.69 8.20 -30.90
N SER B 125 -28.84 8.53 -30.33
CA SER B 125 -28.92 9.03 -28.98
C SER B 125 -29.78 8.10 -28.15
N ASN B 126 -29.54 8.10 -26.84
CA ASN B 126 -30.24 7.21 -25.92
C ASN B 126 -30.07 5.76 -26.36
N PHE B 127 -28.93 5.46 -26.96
CA PHE B 127 -28.58 4.11 -27.37
C PHE B 127 -27.38 3.72 -26.53
N TYR B 128 -27.62 2.92 -25.49
CA TYR B 128 -26.56 2.50 -24.59
C TYR B 128 -25.91 1.26 -25.17
N GLN B 129 -24.96 1.49 -26.07
CA GLN B 129 -24.10 0.44 -26.57
C GLN B 129 -23.01 0.08 -25.56
N ASN B 130 -22.95 0.78 -24.43
CA ASN B 130 -21.98 0.51 -23.37
C ASN B 130 -22.62 -0.13 -22.15
N HIS B 131 -23.90 -0.50 -22.23
CA HIS B 131 -24.55 -1.24 -21.16
C HIS B 131 -23.84 -2.56 -20.96
N ARG B 132 -23.71 -2.98 -19.71
CA ARG B 132 -22.91 -4.17 -19.41
C ARG B 132 -23.49 -5.41 -20.04
N ARG B 133 -24.80 -5.58 -19.96
CA ARG B 133 -25.44 -6.74 -20.56
C ARG B 133 -25.30 -6.75 -22.07
N TYR B 134 -24.96 -5.62 -22.67
CA TYR B 134 -24.80 -5.45 -24.10
C TYR B 134 -23.36 -5.60 -24.56
N VAL B 135 -22.41 -5.02 -23.84
CA VAL B 135 -21.01 -5.06 -24.26
C VAL B 135 -20.51 -6.49 -24.32
N LYS B 136 -20.93 -7.33 -23.37
CA LYS B 136 -20.36 -8.67 -23.26
C LYS B 136 -21.00 -9.64 -24.23
N SER B 137 -21.95 -9.19 -25.04
CA SER B 137 -22.83 -10.07 -25.80
C SER B 137 -22.29 -10.38 -27.17
N ARG B 138 -20.98 -10.52 -27.31
CA ARG B 138 -20.36 -10.96 -28.55
C ARG B 138 -19.54 -12.21 -28.28
N ASP B 139 -19.18 -12.93 -29.33
CA ASP B 139 -18.34 -14.12 -29.23
C ASP B 139 -17.11 -13.86 -30.07
N ASP B 140 -16.07 -13.30 -29.46
CA ASP B 140 -14.95 -12.80 -30.25
C ASP B 140 -14.20 -13.93 -30.95
N SER B 141 -14.19 -15.12 -30.36
CA SER B 141 -13.58 -16.25 -31.03
C SER B 141 -14.37 -16.69 -32.24
N GLN B 142 -15.67 -16.40 -32.29
CA GLN B 142 -16.44 -16.66 -33.49
C GLN B 142 -16.07 -15.70 -34.60
N LEU B 143 -16.15 -14.40 -34.33
CA LEU B 143 -15.84 -13.38 -35.32
C LEU B 143 -14.39 -13.42 -35.76
N ASN B 144 -13.52 -14.00 -34.94
CA ASN B 144 -12.12 -14.18 -35.31
C ASN B 144 -11.90 -15.44 -36.17
N GLY B 145 -12.96 -16.17 -36.47
CA GLY B 145 -12.86 -17.27 -37.40
C GLY B 145 -12.51 -18.61 -36.81
N ASP B 146 -12.95 -18.89 -35.60
CA ASP B 146 -12.77 -20.22 -35.04
C ASP B 146 -13.77 -21.18 -35.66
N SER B 147 -13.27 -22.23 -36.32
CA SER B 147 -14.17 -23.24 -36.88
C SER B 147 -14.84 -24.06 -35.79
N SER B 148 -14.32 -24.03 -34.57
CA SER B 148 -14.98 -24.71 -33.46
C SER B 148 -16.06 -23.84 -32.85
N ALA B 149 -15.75 -22.58 -32.61
CA ALA B 149 -16.70 -21.66 -31.99
C ALA B 149 -17.76 -21.17 -32.96
N LEU B 150 -17.60 -21.40 -34.26
CA LEU B 150 -18.62 -20.99 -35.21
C LEU B 150 -19.91 -21.76 -35.00
N LEU B 151 -19.81 -23.05 -34.70
CA LEU B 151 -20.98 -23.91 -34.56
C LEU B 151 -21.41 -24.11 -33.12
N ASN B 152 -20.72 -23.49 -32.16
CA ASN B 152 -21.21 -23.42 -30.79
C ASN B 152 -20.73 -22.12 -30.17
N PRO B 153 -21.52 -21.06 -30.35
CA PRO B 153 -21.12 -19.76 -29.80
C PRO B 153 -21.23 -19.74 -28.29
N SER B 154 -20.67 -18.69 -27.70
CA SER B 154 -20.55 -18.59 -26.25
C SER B 154 -21.93 -18.49 -25.61
N LYS B 155 -21.93 -18.49 -24.29
CA LYS B 155 -23.15 -18.29 -23.52
C LYS B 155 -23.29 -16.88 -23.00
N GLU B 156 -22.26 -16.04 -23.17
CA GLU B 156 -22.41 -14.62 -22.91
C GLU B 156 -23.44 -14.01 -23.85
N CYS B 157 -23.39 -14.39 -25.12
CA CYS B 157 -24.29 -13.82 -26.11
C CYS B 157 -25.65 -14.51 -26.05
N GLU B 158 -26.25 -14.55 -24.86
CA GLU B 158 -27.20 -15.62 -24.59
C GLU B 158 -28.55 -15.48 -25.28
N PRO B 159 -29.33 -14.39 -25.07
CA PRO B 159 -30.69 -14.40 -25.61
C PRO B 159 -30.71 -14.60 -27.11
N TYR B 160 -29.57 -14.33 -27.75
CA TYR B 160 -29.40 -14.48 -29.18
C TYR B 160 -28.29 -15.46 -29.50
N ARG B 161 -28.26 -16.59 -28.79
CA ARG B 161 -27.26 -17.62 -29.03
C ARG B 161 -27.76 -18.71 -29.96
N ARG B 162 -29.04 -19.00 -29.95
CA ARG B 162 -29.60 -20.06 -30.78
C ARG B 162 -31.05 -19.74 -31.09
N ASN B 163 -31.55 -20.32 -32.18
CA ASN B 163 -32.98 -20.25 -32.47
C ASN B 163 -33.34 -21.38 -33.42
N GLU B 164 -34.49 -21.99 -33.17
CA GLU B 164 -34.93 -23.16 -33.92
C GLU B 164 -33.87 -24.26 -33.90
N ASP B 165 -33.27 -24.47 -32.72
CA ASP B 165 -32.26 -25.52 -32.52
C ASP B 165 -31.12 -25.37 -33.52
N LYS B 166 -30.64 -24.14 -33.69
CA LYS B 166 -29.53 -23.85 -34.60
C LYS B 166 -28.78 -22.64 -34.07
N PRO B 167 -27.46 -22.61 -34.18
CA PRO B 167 -26.70 -21.50 -33.61
C PRO B 167 -26.67 -20.29 -34.54
N ILE B 168 -26.83 -19.11 -33.95
CA ILE B 168 -26.84 -17.87 -34.72
C ILE B 168 -25.44 -17.58 -35.23
N ALA B 169 -25.34 -17.20 -36.50
CA ALA B 169 -24.02 -17.10 -37.11
C ALA B 169 -23.19 -16.01 -36.44
N PRO B 170 -23.52 -14.69 -36.54
CA PRO B 170 -22.90 -13.75 -35.60
C PRO B 170 -23.71 -13.61 -34.33
N CYS B 171 -23.58 -14.55 -33.41
CA CYS B 171 -24.35 -14.53 -32.18
C CYS B 171 -24.20 -13.19 -31.47
N GLY B 172 -25.23 -12.78 -30.76
CA GLY B 172 -25.12 -11.72 -29.78
C GLY B 172 -26.17 -10.67 -29.94
N ALA B 173 -26.23 -9.80 -28.93
CA ALA B 173 -27.07 -8.61 -29.01
C ALA B 173 -26.38 -7.48 -29.76
N ILE B 174 -25.05 -7.45 -29.75
CA ILE B 174 -24.34 -6.41 -30.50
C ILE B 174 -24.54 -6.62 -31.99
N MET B 175 -24.46 -7.86 -32.45
CA MET B 175 -24.58 -8.15 -33.86
C MET B 175 -26.02 -8.27 -34.31
N ASN B 176 -26.95 -8.47 -33.37
CA ASN B 176 -28.35 -8.53 -33.75
C ASN B 176 -28.84 -7.15 -34.14
N SER B 177 -28.81 -6.22 -33.20
CA SER B 177 -29.26 -4.86 -33.46
C SER B 177 -28.17 -4.11 -34.20
N MET B 178 -28.14 -4.31 -35.52
CA MET B 178 -27.20 -3.60 -36.37
C MET B 178 -27.93 -2.52 -37.15
N PHE B 179 -27.31 -1.33 -37.23
CA PHE B 179 -27.91 -0.22 -37.93
C PHE B 179 -28.13 -0.55 -39.39
N ASN B 180 -29.37 -0.53 -39.84
CA ASN B 180 -29.70 -1.06 -41.16
C ASN B 180 -30.64 -0.16 -41.94
N ASP B 181 -30.42 1.15 -41.95
CA ASP B 181 -31.11 1.97 -42.92
C ASP B 181 -30.10 2.70 -43.79
N THR B 182 -30.47 2.90 -45.05
CA THR B 182 -29.56 3.30 -46.10
C THR B 182 -29.69 4.79 -46.35
N LEU B 183 -28.58 5.51 -46.29
CA LEU B 183 -28.55 6.93 -46.55
C LEU B 183 -27.90 7.20 -47.91
N GLU B 184 -28.50 8.10 -48.67
CA GLU B 184 -27.98 8.52 -49.95
C GLU B 184 -28.03 10.04 -50.03
N LEU B 185 -27.06 10.63 -50.72
CA LEU B 185 -27.03 12.06 -50.94
C LEU B 185 -27.25 12.34 -52.42
N PHE B 186 -27.96 13.42 -52.70
CA PHE B 186 -28.23 13.84 -54.07
C PHE B 186 -28.05 15.34 -54.15
N LEU B 187 -27.15 15.78 -55.03
CA LEU B 187 -26.93 17.19 -55.28
C LEU B 187 -27.84 17.63 -56.41
N ILE B 188 -28.60 18.70 -56.20
CA ILE B 188 -29.53 19.20 -57.19
C ILE B 188 -28.79 20.22 -58.04
N GLY B 189 -28.55 19.86 -59.31
CA GLY B 189 -27.76 20.70 -60.20
C GLY B 189 -28.43 22.00 -60.58
N GLN B 190 -27.90 22.66 -61.62
CA GLN B 190 -28.49 23.93 -62.05
C GLN B 190 -29.92 23.76 -62.49
N ASP B 191 -30.23 22.68 -63.22
CA ASP B 191 -31.61 22.34 -63.50
C ASP B 191 -32.21 21.64 -62.30
N SER B 192 -33.39 21.05 -62.45
CA SER B 192 -34.10 20.49 -61.31
C SER B 192 -33.67 19.05 -60.99
N TYR B 193 -32.66 18.53 -61.68
CA TYR B 193 -32.46 17.09 -61.52
C TYR B 193 -31.27 16.80 -60.60
N PRO B 194 -31.37 15.73 -59.82
CA PRO B 194 -30.36 15.49 -58.78
C PRO B 194 -29.13 14.77 -59.29
N ILE B 195 -27.96 15.22 -58.86
CA ILE B 195 -26.70 14.56 -59.18
C ILE B 195 -26.41 13.56 -58.07
N PRO B 196 -26.22 12.28 -58.38
CA PRO B 196 -25.94 11.28 -57.34
C PRO B 196 -24.50 11.38 -56.89
N ILE B 197 -24.31 11.66 -55.60
CA ILE B 197 -22.97 11.72 -55.03
C ILE B 197 -22.52 10.32 -54.67
N ALA B 198 -21.35 9.93 -55.16
CA ALA B 198 -20.85 8.57 -54.98
C ALA B 198 -20.15 8.46 -53.63
N LEU B 199 -20.57 7.48 -52.83
CA LEU B 199 -20.04 7.24 -51.50
C LEU B 199 -19.27 5.92 -51.49
N LYS B 200 -18.30 5.83 -50.59
CA LYS B 200 -17.38 4.70 -50.57
C LYS B 200 -17.56 3.93 -49.28
N LYS B 201 -17.59 2.60 -49.38
CA LYS B 201 -17.79 1.73 -48.23
C LYS B 201 -16.50 1.23 -47.62
N LYS B 202 -15.47 1.00 -48.41
CA LYS B 202 -14.23 0.45 -47.91
C LYS B 202 -13.48 1.46 -47.05
N GLY B 203 -12.67 0.95 -46.14
CA GLY B 203 -11.78 1.81 -45.38
C GLY B 203 -12.42 2.59 -44.27
N ILE B 204 -13.47 2.05 -43.64
CA ILE B 204 -14.14 2.73 -42.54
C ILE B 204 -13.91 2.05 -41.20
N ALA B 205 -13.39 0.83 -41.19
CA ALA B 205 -13.03 0.13 -39.97
C ALA B 205 -11.53 0.23 -39.74
N TRP B 206 -11.12 0.13 -38.48
CA TRP B 206 -9.70 0.07 -38.18
C TRP B 206 -9.04 -0.98 -39.04
N TRP B 207 -7.86 -0.66 -39.58
CA TRP B 207 -7.21 -1.63 -40.46
C TRP B 207 -6.93 -2.93 -39.71
N THR B 208 -6.69 -2.84 -38.40
CA THR B 208 -6.34 -4.02 -37.62
C THR B 208 -7.53 -4.94 -37.47
N ASP B 209 -8.67 -4.40 -37.06
CA ASP B 209 -9.79 -5.27 -36.76
C ASP B 209 -10.69 -5.43 -37.97
N LYS B 210 -10.08 -5.40 -39.15
CA LYS B 210 -10.74 -5.83 -40.36
C LYS B 210 -9.87 -6.89 -41.02
N ASN B 211 -8.56 -6.74 -40.90
CA ASN B 211 -7.62 -7.69 -41.46
C ASN B 211 -7.15 -8.73 -40.46
N VAL B 212 -7.25 -8.46 -39.17
CA VAL B 212 -6.77 -9.41 -38.17
C VAL B 212 -7.91 -9.88 -37.27
N LYS B 213 -8.52 -8.96 -36.54
CA LYS B 213 -9.40 -9.34 -35.46
C LYS B 213 -10.73 -9.92 -35.95
N PHE B 214 -11.10 -9.67 -37.20
CA PHE B 214 -12.37 -10.11 -37.77
C PHE B 214 -12.06 -10.92 -39.02
N ARG B 215 -12.12 -12.23 -38.96
CA ARG B 215 -11.89 -13.04 -40.15
C ARG B 215 -13.09 -13.93 -40.42
N ASN B 216 -13.16 -14.44 -41.64
CA ASN B 216 -14.22 -15.36 -42.01
C ASN B 216 -13.92 -16.74 -41.43
N PRO B 217 -14.88 -17.66 -41.49
CA PRO B 217 -14.60 -19.05 -41.15
C PRO B 217 -13.50 -19.61 -42.03
N PRO B 218 -12.83 -20.68 -41.57
CA PRO B 218 -11.49 -21.01 -42.11
C PRO B 218 -11.43 -21.30 -43.60
N GLY B 219 -12.17 -22.28 -44.07
CA GLY B 219 -11.96 -22.79 -45.41
C GLY B 219 -13.21 -22.75 -46.25
N GLY B 220 -13.04 -22.38 -47.51
CA GLY B 220 -14.17 -22.31 -48.42
C GLY B 220 -13.97 -21.35 -49.56
N ASP B 221 -14.38 -21.78 -50.76
CA ASP B 221 -14.27 -20.93 -51.93
C ASP B 221 -15.39 -19.89 -51.97
N ASN B 222 -16.63 -20.32 -51.77
CA ASN B 222 -17.74 -19.42 -51.55
C ASN B 222 -18.15 -19.49 -50.09
N LEU B 223 -18.75 -18.41 -49.60
CA LEU B 223 -18.99 -18.29 -48.17
C LEU B 223 -20.24 -19.02 -47.71
N GLU B 224 -21.27 -19.11 -48.54
CA GLU B 224 -22.51 -19.72 -48.09
C GLU B 224 -22.29 -21.14 -47.57
N GLU B 225 -21.23 -21.81 -48.03
CA GLU B 225 -20.98 -23.16 -47.56
C GLU B 225 -20.32 -23.16 -46.19
N ARG B 226 -19.41 -22.22 -45.92
CA ARG B 226 -18.79 -22.15 -44.61
C ARG B 226 -19.83 -21.96 -43.52
N PHE B 227 -20.66 -20.94 -43.65
CA PHE B 227 -21.76 -20.73 -42.73
C PHE B 227 -22.85 -21.75 -43.01
N LYS B 228 -22.61 -23.02 -42.70
CA LYS B 228 -23.53 -24.07 -43.10
C LYS B 228 -24.59 -24.36 -42.03
N GLY B 229 -24.16 -24.73 -40.84
CA GLY B 229 -25.09 -25.11 -39.80
C GLY B 229 -25.42 -23.97 -38.87
N THR B 230 -25.61 -22.77 -39.42
CA THR B 230 -25.89 -21.59 -38.62
C THR B 230 -27.00 -20.79 -39.29
N THR B 231 -27.71 -20.01 -38.48
CA THR B 231 -28.78 -19.15 -38.99
C THR B 231 -28.42 -17.69 -38.79
N LYS B 232 -28.96 -16.86 -39.67
CA LYS B 232 -28.81 -15.42 -39.53
C LYS B 232 -29.36 -14.98 -38.18
N PRO B 233 -28.87 -13.87 -37.64
CA PRO B 233 -29.42 -13.38 -36.38
C PRO B 233 -30.91 -13.11 -36.51
N VAL B 234 -31.57 -13.00 -35.36
CA VAL B 234 -33.02 -13.00 -35.34
C VAL B 234 -33.57 -11.82 -36.13
N ASN B 235 -32.95 -10.65 -35.99
CA ASN B 235 -33.49 -9.43 -36.57
C ASN B 235 -32.99 -9.15 -37.98
N TRP B 236 -31.84 -9.66 -38.37
CA TRP B 236 -31.37 -9.41 -39.71
C TRP B 236 -32.35 -9.99 -40.72
N LEU B 237 -32.37 -9.40 -41.90
CA LEU B 237 -33.15 -9.92 -43.00
C LEU B 237 -32.34 -10.77 -43.96
N LYS B 238 -31.03 -10.58 -44.00
CA LYS B 238 -30.14 -11.38 -44.83
C LYS B 238 -29.02 -11.94 -43.97
N PRO B 239 -28.56 -13.15 -44.25
CA PRO B 239 -27.50 -13.75 -43.44
C PRO B 239 -26.20 -13.00 -43.61
N VAL B 240 -25.16 -13.39 -42.88
CA VAL B 240 -23.90 -12.66 -43.00
C VAL B 240 -23.29 -12.86 -44.37
N TYR B 241 -23.37 -14.05 -44.92
CA TYR B 241 -22.75 -14.32 -46.21
C TYR B 241 -23.48 -13.66 -47.38
N MET B 242 -24.52 -12.88 -47.11
CA MET B 242 -25.23 -12.13 -48.14
C MET B 242 -25.17 -10.64 -47.86
N LEU B 243 -24.17 -10.19 -47.10
CA LEU B 243 -24.08 -8.78 -46.78
C LEU B 243 -23.49 -7.95 -47.90
N ASP B 244 -22.92 -8.57 -48.92
CA ASP B 244 -22.32 -7.82 -50.01
C ASP B 244 -22.15 -8.73 -51.21
N SER B 245 -21.38 -8.25 -52.20
CA SER B 245 -21.11 -8.99 -53.42
C SER B 245 -19.64 -9.34 -53.59
N ASP B 246 -18.74 -8.38 -53.42
CA ASP B 246 -17.33 -8.70 -53.61
C ASP B 246 -16.81 -9.50 -52.41
N PRO B 247 -15.94 -10.49 -52.65
CA PRO B 247 -15.52 -11.39 -51.57
C PRO B 247 -14.73 -10.72 -50.47
N ASP B 248 -14.50 -9.41 -50.55
CA ASP B 248 -13.70 -8.70 -49.58
C ASP B 248 -14.54 -7.93 -48.57
N ASN B 249 -15.86 -8.09 -48.61
CA ASN B 249 -16.73 -7.38 -47.68
C ASN B 249 -17.90 -8.24 -47.21
N ASN B 250 -17.78 -9.56 -47.27
CA ASN B 250 -18.98 -10.39 -47.27
C ASN B 250 -19.50 -10.72 -45.88
N GLY B 251 -18.71 -11.39 -45.07
CA GLY B 251 -19.23 -11.78 -43.77
C GLY B 251 -18.17 -11.80 -42.70
N PHE B 252 -18.45 -11.20 -41.55
CA PHE B 252 -17.50 -11.06 -40.45
C PHE B 252 -16.39 -10.13 -40.86
N ILE B 253 -16.39 -9.74 -42.13
CA ILE B 253 -15.43 -8.79 -42.67
C ILE B 253 -16.11 -7.51 -43.10
N ASN B 254 -17.39 -7.56 -43.46
CA ASN B 254 -18.20 -6.42 -43.83
C ASN B 254 -17.93 -5.24 -42.92
N GLU B 255 -17.55 -4.11 -43.53
CA GLU B 255 -17.10 -2.97 -42.74
C GLU B 255 -18.23 -2.35 -41.95
N ASP B 256 -19.42 -2.25 -42.55
CA ASP B 256 -20.57 -1.74 -41.80
C ASP B 256 -20.88 -2.62 -40.60
N PHE B 257 -20.48 -3.89 -40.65
CA PHE B 257 -20.64 -4.77 -39.51
C PHE B 257 -19.53 -4.54 -38.48
N ILE B 258 -18.28 -4.48 -38.94
CA ILE B 258 -17.18 -4.24 -38.03
C ILE B 258 -17.30 -2.90 -37.34
N VAL B 259 -17.84 -1.90 -38.04
CA VAL B 259 -18.00 -0.57 -37.44
C VAL B 259 -19.13 -0.56 -36.42
N TRP B 260 -20.14 -1.39 -36.61
CA TRP B 260 -21.20 -1.43 -35.61
C TRP B 260 -20.79 -2.15 -34.36
N MET B 261 -19.90 -3.14 -34.47
CA MET B 261 -19.54 -3.93 -33.29
C MET B 261 -18.74 -3.09 -32.31
N ARG B 262 -17.78 -2.34 -32.79
CA ARG B 262 -16.98 -1.51 -31.89
C ARG B 262 -17.87 -0.57 -31.12
N THR B 263 -18.01 -0.80 -29.81
CA THR B 263 -19.10 -0.21 -29.04
C THR B 263 -18.89 1.29 -28.87
N ALA B 264 -19.76 1.93 -28.09
CA ALA B 264 -19.97 3.36 -28.21
C ALA B 264 -19.14 4.20 -27.26
N ALA B 265 -18.98 3.74 -26.01
CA ALA B 265 -18.36 4.47 -24.90
C ALA B 265 -19.25 5.54 -24.32
N LEU B 266 -20.38 5.84 -24.95
CA LEU B 266 -21.31 6.83 -24.45
C LEU B 266 -22.67 6.54 -25.06
N PRO B 267 -23.75 7.03 -24.44
CA PRO B 267 -25.06 6.78 -25.04
C PRO B 267 -25.27 7.50 -26.35
N THR B 268 -24.71 8.69 -26.52
CA THR B 268 -24.84 9.46 -27.76
C THR B 268 -23.55 9.33 -28.55
N PHE B 269 -23.58 8.54 -29.61
CA PHE B 269 -22.36 8.24 -30.35
C PHE B 269 -22.56 8.47 -31.83
N ARG B 270 -21.58 8.13 -32.65
CA ARG B 270 -21.75 8.10 -34.08
C ARG B 270 -20.69 7.21 -34.70
N LYS B 271 -21.04 6.57 -35.80
CA LYS B 271 -20.21 5.57 -36.41
C LYS B 271 -20.03 5.91 -37.88
N LEU B 272 -18.81 5.74 -38.38
CA LEU B 272 -18.53 6.12 -39.75
C LEU B 272 -19.36 5.29 -40.71
N TYR B 273 -20.06 5.97 -41.61
CA TYR B 273 -20.95 5.29 -42.54
C TYR B 273 -20.32 5.12 -43.91
N ARG B 274 -19.94 6.21 -44.54
CA ARG B 274 -19.27 6.19 -45.83
C ARG B 274 -18.25 7.31 -45.84
N LEU B 275 -17.36 7.28 -46.80
CA LEU B 275 -16.44 8.38 -46.98
C LEU B 275 -16.45 8.79 -48.44
N ILE B 276 -16.37 10.09 -48.67
CA ILE B 276 -16.46 10.66 -50.00
C ILE B 276 -15.08 11.13 -50.40
N GLU B 277 -14.55 10.57 -51.47
CA GLU B 277 -13.18 10.83 -51.88
C GLU B 277 -13.08 12.16 -52.62
N ARG B 278 -12.08 12.95 -52.27
CA ARG B 278 -11.87 14.23 -52.94
C ARG B 278 -11.58 14.00 -54.42
N LYS B 279 -11.98 14.98 -55.24
CA LYS B 279 -11.81 14.86 -56.67
C LYS B 279 -10.46 15.40 -57.11
N SER B 280 -9.84 14.72 -58.08
CA SER B 280 -8.52 15.10 -58.56
C SER B 280 -8.51 16.45 -59.25
N ASP B 281 -9.67 16.97 -59.62
CA ASP B 281 -9.77 18.30 -60.21
C ASP B 281 -9.62 19.33 -59.09
N LEU B 282 -9.88 20.59 -59.43
CA LEU B 282 -9.79 21.68 -58.48
C LEU B 282 -11.16 22.08 -57.93
N HIS B 283 -12.11 21.15 -57.94
CA HIS B 283 -13.47 21.34 -57.49
C HIS B 283 -13.63 20.93 -56.04
N PRO B 284 -14.63 21.44 -55.34
CA PRO B 284 -14.88 20.97 -53.98
C PRO B 284 -15.51 19.59 -54.01
N THR B 285 -15.39 18.87 -52.89
CA THR B 285 -16.01 17.56 -52.79
C THR B 285 -17.53 17.68 -52.78
N LEU B 286 -18.05 18.53 -51.91
CA LEU B 286 -19.49 18.78 -51.80
C LEU B 286 -19.73 20.25 -52.06
N PRO B 287 -20.01 20.62 -53.32
CA PRO B 287 -20.28 22.03 -53.61
C PRO B 287 -21.57 22.48 -52.95
N ALA B 288 -21.67 23.77 -52.69
CA ALA B 288 -22.85 24.31 -52.05
C ALA B 288 -24.08 24.13 -52.94
N GLY B 289 -25.25 24.23 -52.32
CA GLY B 289 -26.50 24.09 -53.04
C GLY B 289 -27.51 23.40 -52.17
N ARG B 290 -28.59 22.93 -52.81
CA ARG B 290 -29.64 22.20 -52.14
C ARG B 290 -29.44 20.71 -52.40
N TYR B 291 -29.45 19.93 -51.32
CA TYR B 291 -29.16 18.51 -51.41
C TYR B 291 -30.41 17.71 -51.08
N TRP B 292 -30.27 16.40 -51.16
CA TRP B 292 -31.30 15.46 -50.74
C TRP B 292 -30.66 14.37 -49.90
N LEU B 293 -31.27 14.07 -48.77
CA LEU B 293 -30.87 12.91 -47.97
C LEU B 293 -32.09 12.00 -47.96
N ASN B 294 -32.16 11.09 -48.93
CA ASN B 294 -33.30 10.20 -49.03
C ASN B 294 -32.97 8.90 -48.33
N VAL B 295 -33.59 8.70 -47.17
CA VAL B 295 -33.29 7.59 -46.28
C VAL B 295 -34.25 6.46 -46.57
N THR B 296 -33.75 5.23 -46.56
CA THR B 296 -34.62 4.05 -46.52
C THR B 296 -34.76 3.65 -45.07
N TYR B 297 -35.60 4.39 -44.37
CA TYR B 297 -35.82 4.26 -42.93
C TYR B 297 -36.21 2.83 -42.55
N ASN B 298 -35.35 2.18 -41.77
CA ASN B 298 -35.57 0.83 -41.26
C ASN B 298 -35.46 0.73 -39.75
N TYR B 299 -34.50 1.41 -39.15
CA TYR B 299 -34.10 1.23 -37.77
C TYR B 299 -35.06 1.91 -36.80
N PRO B 300 -35.86 1.17 -36.06
CA PRO B 300 -36.83 1.81 -35.15
C PRO B 300 -36.19 2.23 -33.85
N VAL B 301 -36.03 3.52 -33.65
CA VAL B 301 -35.60 4.08 -32.38
C VAL B 301 -36.68 4.94 -31.75
N HIS B 302 -37.88 4.93 -32.32
CA HIS B 302 -38.99 5.67 -31.75
C HIS B 302 -39.33 5.17 -30.35
N TYR B 303 -38.99 3.92 -30.03
CA TYR B 303 -39.45 3.28 -28.81
C TYR B 303 -38.67 3.75 -27.59
N PHE B 304 -37.36 3.53 -27.59
CA PHE B 304 -36.56 3.92 -26.44
C PHE B 304 -36.18 5.38 -26.46
N ASP B 305 -36.93 6.19 -27.20
CA ASP B 305 -36.81 7.64 -27.17
C ASP B 305 -35.42 8.09 -27.63
N GLY B 306 -35.00 7.57 -28.77
CA GLY B 306 -33.72 7.90 -29.34
C GLY B 306 -33.88 8.69 -30.63
N ARG B 307 -32.80 9.34 -31.01
CA ARG B 307 -32.75 10.13 -32.23
C ARG B 307 -31.85 9.44 -33.25
N LYS B 308 -31.93 9.89 -34.48
CA LYS B 308 -31.11 9.37 -35.56
C LYS B 308 -30.66 10.53 -36.41
N ARG B 309 -29.37 10.66 -36.61
CA ARG B 309 -28.83 11.80 -37.34
C ARG B 309 -27.87 11.32 -38.40
N MET B 310 -27.75 12.11 -39.45
CA MET B 310 -26.67 11.96 -40.41
C MET B 310 -25.76 13.15 -40.29
N ILE B 311 -24.46 12.93 -40.42
CA ILE B 311 -23.47 13.94 -40.13
C ILE B 311 -22.44 13.91 -41.24
N LEU B 312 -22.38 14.97 -42.03
CA LEU B 312 -21.30 15.16 -42.98
C LEU B 312 -20.27 16.07 -42.33
N SER B 313 -18.99 15.82 -42.61
CA SER B 313 -17.97 16.61 -41.94
C SER B 313 -16.66 16.50 -42.69
N THR B 314 -15.82 17.50 -42.50
CA THR B 314 -14.46 17.51 -42.98
C THR B 314 -13.54 17.23 -41.81
N ILE B 315 -12.40 16.60 -42.09
CA ILE B 315 -11.48 16.14 -41.07
C ILE B 315 -10.16 16.88 -41.21
N SER B 316 -9.60 17.30 -40.09
CA SER B 316 -8.32 17.97 -40.04
C SER B 316 -7.32 17.07 -39.34
N TRP B 317 -6.11 17.59 -39.09
CA TRP B 317 -5.10 16.79 -38.42
C TRP B 317 -5.51 16.41 -37.00
N MET B 318 -6.43 17.15 -36.39
CA MET B 318 -6.86 16.88 -35.03
C MET B 318 -8.10 16.02 -34.95
N GLY B 319 -8.77 15.76 -36.08
CA GLY B 319 -9.95 14.93 -36.04
C GLY B 319 -11.15 15.62 -36.62
N GLY B 320 -12.23 15.69 -35.86
CA GLY B 320 -13.42 16.37 -36.28
C GLY B 320 -13.54 17.74 -35.64
N LYS B 321 -14.78 18.21 -35.55
CA LYS B 321 -15.05 19.52 -34.96
C LYS B 321 -15.30 19.33 -33.47
N ASN B 322 -14.38 19.80 -32.66
CA ASN B 322 -14.56 19.76 -31.22
C ASN B 322 -13.79 20.92 -30.62
N PRO B 323 -14.47 21.87 -29.98
CA PRO B 323 -13.78 23.05 -29.45
C PRO B 323 -13.15 22.82 -28.09
N PHE B 324 -13.49 21.74 -27.39
CA PHE B 324 -13.00 21.53 -26.03
C PHE B 324 -11.49 21.59 -25.97
N LEU B 325 -10.81 21.06 -26.98
CA LEU B 325 -9.34 21.04 -26.93
C LEU B 325 -8.77 22.44 -27.07
N GLY B 326 -9.31 23.24 -27.99
CA GLY B 326 -8.84 24.61 -28.12
C GLY B 326 -9.15 25.44 -26.88
N ILE B 327 -10.40 25.35 -26.40
CA ILE B 327 -10.79 26.16 -25.26
C ILE B 327 -10.10 25.71 -23.98
N ALA B 328 -9.82 24.41 -23.84
CA ALA B 328 -9.16 23.96 -22.63
C ALA B 328 -7.69 24.33 -22.62
N TYR B 329 -7.02 24.23 -23.77
CA TYR B 329 -5.64 24.64 -23.85
C TYR B 329 -5.47 26.13 -23.61
N ILE B 330 -6.45 26.94 -24.03
CA ILE B 330 -6.38 28.37 -23.80
C ILE B 330 -6.64 28.69 -22.34
N ALA B 331 -7.74 28.16 -21.80
CA ALA B 331 -8.09 28.48 -20.42
C ALA B 331 -7.02 28.04 -19.44
N VAL B 332 -6.20 27.06 -19.81
CA VAL B 332 -5.09 26.65 -18.97
C VAL B 332 -3.84 27.45 -19.30
N GLY B 333 -3.62 27.75 -20.57
CA GLY B 333 -2.50 28.61 -20.92
C GLY B 333 -2.70 30.06 -20.56
N SER B 334 -3.93 30.51 -20.35
CA SER B 334 -4.21 31.89 -19.97
C SER B 334 -4.48 32.05 -18.48
N ILE B 335 -4.55 30.96 -17.73
CA ILE B 335 -4.60 31.06 -16.29
C ILE B 335 -3.21 30.89 -15.69
N SER B 336 -2.35 30.09 -16.31
CA SER B 336 -0.98 29.99 -15.86
C SER B 336 -0.20 31.27 -16.14
N PHE B 337 -0.55 32.01 -17.18
CA PHE B 337 0.11 33.27 -17.44
C PHE B 337 -0.43 34.38 -16.54
N LEU B 338 -1.70 34.31 -16.16
CA LEU B 338 -2.22 35.26 -15.19
C LEU B 338 -1.65 34.98 -13.80
N LEU B 339 -1.64 33.72 -13.39
CA LEU B 339 -1.12 33.38 -12.07
C LEU B 339 0.35 33.72 -11.97
N GLY B 340 1.13 33.40 -13.00
CA GLY B 340 2.52 33.84 -13.03
C GLY B 340 2.70 35.33 -12.91
N VAL B 341 1.67 36.11 -13.25
CA VAL B 341 1.75 37.56 -13.12
C VAL B 341 1.46 37.98 -11.69
N VAL B 342 0.40 37.46 -11.10
CA VAL B 342 0.16 37.70 -9.67
C VAL B 342 1.32 37.14 -8.85
N LEU B 343 1.82 35.98 -9.23
CA LEU B 343 2.92 35.36 -8.49
C LEU B 343 4.23 36.10 -8.72
N LEU B 344 4.36 36.78 -9.85
CA LEU B 344 5.53 37.63 -10.06
C LEU B 344 5.34 39.00 -9.43
N VAL B 345 4.08 39.41 -9.24
CA VAL B 345 3.84 40.67 -8.54
C VAL B 345 4.35 40.59 -7.11
N ILE B 346 4.13 39.46 -6.44
CA ILE B 346 4.50 39.33 -5.04
C ILE B 346 6.02 39.36 -4.89
N ASN B 347 6.70 38.39 -5.51
CA ASN B 347 8.14 38.23 -5.28
C ASN B 347 8.92 39.45 -5.77
N HIS B 348 8.64 39.91 -7.00
CA HIS B 348 9.43 41.00 -7.56
C HIS B 348 9.20 42.30 -6.81
N LYS B 349 8.01 42.52 -6.25
CA LYS B 349 7.77 43.71 -5.46
C LYS B 349 8.17 43.53 -4.01
N TYR B 350 8.13 42.30 -3.49
CA TYR B 350 8.60 42.02 -2.15
C TYR B 350 10.00 41.42 -2.17
#